data_8RXS
#
_entry.id   8RXS
#
_cell.length_a   1.00
_cell.length_b   1.00
_cell.length_c   1.00
_cell.angle_alpha   90.00
_cell.angle_beta   90.00
_cell.angle_gamma   90.00
#
_symmetry.space_group_name_H-M   'P 1'
#
_entity_poly.entity_id   1
_entity_poly.type   'polypeptide(L)'
_entity_poly.pdbx_seq_one_letter_code
;MSLAFTKTRSTIGIVAQPVSVEVHLSNGLPSFTMVGLAETAVKESKDRVRSAIINSQFEFPCRKITVNLGPANLPKTGSG
FDLPIALGILAASEQIPLTNLANHEFIGELALSGELRGVSAIIPAVLAAHKDNQHLIIANANAAEASLTGHQKVFTANNL
REVCDYLCQGTSLQSLPPKPDLLLNNYELDWSDIKGQQHAKNAMVIAACGGHSILLSGAPGSGKTMMAKRFSTLLPELSE
TQALECAAINSIRGKLPDFREWRLPPFRAPHHTASPVALVGGGNPPKPGEISLAHHGVLFLDELPEFNRQVLETLREPLE
SGHICISRAAAQIEFPAKFQLIAAMNPCPCGQWGNSQANCMCTPDRISRYLAKLSAPLLDRIDMQVTIHALSQEELIKPN
THLEKQSLAIREKVTKMHEIQMARQDSLNANLNSKTCEMVCELGSEEQLFLREVMSKLKLSARGYHRLLKVSRTIADMNS
SKKVLLNHLQQALSYKQNLHLPKHHHHHH
;
_entity_poly.pdbx_strand_id   A,B,C,D,E,F
#
# COMPACT_ATOMS: atom_id res chain seq x y z
N MET A 1 12.54 -2.76 -34.98
CA MET A 1 12.04 -3.10 -33.62
C MET A 1 12.62 -2.13 -32.59
N SER A 2 11.76 -1.69 -31.66
CA SER A 2 12.16 -0.71 -30.65
C SER A 2 12.70 -1.43 -29.41
N LEU A 3 13.90 -1.99 -29.58
CA LEU A 3 14.59 -2.70 -28.51
C LEU A 3 16.06 -2.31 -28.49
N ALA A 4 16.64 -2.31 -27.30
CA ALA A 4 18.04 -1.94 -27.12
C ALA A 4 18.60 -2.68 -25.92
N PHE A 5 19.80 -3.24 -26.08
CA PHE A 5 20.52 -3.93 -25.02
C PHE A 5 21.74 -3.11 -24.62
N THR A 6 21.58 -2.28 -23.61
CA THR A 6 22.70 -1.61 -22.97
C THR A 6 23.27 -2.52 -21.88
N LYS A 7 24.43 -2.14 -21.35
CA LYS A 7 25.10 -2.93 -20.34
C LYS A 7 25.67 -2.02 -19.26
N THR A 8 25.88 -2.61 -18.08
CA THR A 8 26.43 -1.91 -16.93
C THR A 8 26.89 -2.99 -15.94
N ARG A 9 27.44 -2.53 -14.81
CA ARG A 9 27.99 -3.42 -13.80
C ARG A 9 27.37 -3.11 -12.46
N SER A 10 26.94 -4.16 -11.74
CA SER A 10 26.44 -4.05 -10.38
C SER A 10 27.46 -4.68 -9.44
N THR A 11 27.76 -3.99 -8.35
CA THR A 11 28.80 -4.40 -7.41
C THR A 11 28.14 -4.94 -6.15
N ILE A 12 28.31 -6.24 -5.91
CA ILE A 12 27.92 -6.89 -4.66
C ILE A 12 29.12 -7.66 -4.16
N GLY A 13 29.47 -7.46 -2.89
CA GLY A 13 30.66 -8.07 -2.33
C GLY A 13 31.93 -7.40 -2.82
N ILE A 14 32.68 -8.07 -3.68
CA ILE A 14 33.91 -7.51 -4.24
C ILE A 14 33.84 -7.53 -5.76
N VAL A 15 33.05 -8.44 -6.32
CA VAL A 15 32.98 -8.62 -7.77
C VAL A 15 31.94 -7.66 -8.33
N ALA A 16 32.19 -7.19 -9.56
CA ALA A 16 31.25 -6.34 -10.29
C ALA A 16 30.45 -7.24 -11.23
N GLN A 17 29.29 -7.67 -10.77
CA GLN A 17 28.48 -8.58 -11.55
C GLN A 17 28.01 -7.88 -12.84
N PRO A 18 28.01 -8.58 -13.98
CA PRO A 18 27.48 -7.97 -15.19
C PRO A 18 25.97 -7.76 -15.09
N VAL A 19 25.50 -6.69 -15.72
CA VAL A 19 24.09 -6.37 -15.79
C VAL A 19 23.77 -5.94 -17.22
N SER A 20 22.72 -6.53 -17.79
CA SER A 20 22.29 -6.23 -19.16
C SER A 20 21.00 -5.43 -19.07
N VAL A 21 21.10 -4.11 -19.23
CA VAL A 21 19.92 -3.25 -19.24
C VAL A 21 19.23 -3.41 -20.59
N GLU A 22 17.97 -3.83 -20.55
CA GLU A 22 17.19 -4.10 -21.75
C GLU A 22 15.94 -3.24 -21.73
N VAL A 23 15.66 -2.56 -22.84
CA VAL A 23 14.57 -1.61 -22.94
C VAL A 23 13.71 -1.96 -24.14
N HIS A 24 12.39 -1.93 -23.95
CA HIS A 24 11.43 -2.13 -25.02
C HIS A 24 10.45 -0.97 -25.02
N LEU A 25 9.80 -0.75 -26.17
CA LEU A 25 8.87 0.36 -26.34
C LEU A 25 7.64 -0.18 -27.07
N SER A 26 6.59 -0.46 -26.31
CA SER A 26 5.34 -0.95 -26.88
C SER A 26 4.55 0.23 -27.46
N ASN A 27 3.32 -0.03 -27.91
CA ASN A 27 2.51 0.98 -28.58
C ASN A 27 1.31 1.41 -27.73
N GLY A 28 1.37 1.23 -26.42
CA GLY A 28 0.28 1.56 -25.54
C GLY A 28 0.36 2.98 -25.01
N LEU A 29 -0.53 3.27 -24.06
CA LEU A 29 -0.56 4.58 -23.43
C LEU A 29 0.73 4.82 -22.65
N PRO A 30 1.07 6.08 -22.39
CA PRO A 30 2.34 6.35 -21.69
C PRO A 30 2.36 5.69 -20.32
N SER A 31 3.51 5.12 -19.99
CA SER A 31 3.70 4.46 -18.71
C SER A 31 5.20 4.27 -18.49
N PHE A 32 5.55 3.48 -17.48
CA PHE A 32 6.94 3.13 -17.22
C PHE A 32 6.96 1.98 -16.24
N THR A 33 7.79 0.97 -16.51
CA THR A 33 7.85 -0.22 -15.68
C THR A 33 9.29 -0.71 -15.61
N MET A 34 9.81 -0.82 -14.40
CA MET A 34 11.16 -1.34 -14.17
C MET A 34 11.03 -2.80 -13.73
N VAL A 35 11.61 -3.70 -14.52
CA VAL A 35 11.56 -5.12 -14.24
C VAL A 35 12.82 -5.52 -13.49
N GLY A 36 12.75 -6.65 -12.80
CA GLY A 36 13.86 -7.13 -11.99
C GLY A 36 13.83 -6.58 -10.58
N LEU A 37 14.77 -7.06 -9.77
CA LEU A 37 14.86 -6.66 -8.37
C LEU A 37 15.47 -5.27 -8.25
N ALA A 38 14.77 -4.29 -8.82
CA ALA A 38 15.19 -2.90 -8.76
C ALA A 38 14.87 -2.36 -7.37
N GLU A 39 15.90 -2.05 -6.60
CA GLU A 39 15.68 -1.47 -5.28
C GLU A 39 15.13 -0.04 -5.42
N THR A 40 14.82 0.57 -4.28
CA THR A 40 14.21 1.90 -4.28
C THR A 40 15.04 2.88 -5.10
N ALA A 41 16.36 2.94 -4.80
CA ALA A 41 17.23 3.90 -5.45
C ALA A 41 17.26 3.75 -6.96
N VAL A 42 16.90 2.58 -7.47
CA VAL A 42 16.87 2.36 -8.91
C VAL A 42 15.51 2.72 -9.49
N LYS A 43 14.42 2.28 -8.83
CA LYS A 43 13.11 2.54 -9.40
C LYS A 43 12.71 4.02 -9.35
N GLU A 44 13.34 4.83 -8.48
CA GLU A 44 13.06 6.26 -8.66
C GLU A 44 13.76 6.84 -9.89
N SER A 45 14.57 6.05 -10.59
CA SER A 45 15.32 6.59 -11.72
C SER A 45 14.44 6.95 -12.92
N LYS A 46 13.15 6.58 -12.90
CA LYS A 46 12.30 6.86 -14.06
C LYS A 46 12.27 8.36 -14.36
N ASP A 47 11.94 9.17 -13.36
CA ASP A 47 11.83 10.61 -13.57
C ASP A 47 13.18 11.23 -13.85
N ARG A 48 14.24 10.73 -13.21
CA ARG A 48 15.59 11.23 -13.51
C ARG A 48 15.91 11.04 -14.97
N VAL A 49 15.66 9.84 -15.50
CA VAL A 49 15.93 9.57 -16.91
C VAL A 49 15.08 10.46 -17.79
N ARG A 50 13.79 10.59 -17.47
CA ARG A 50 12.91 11.40 -18.29
C ARG A 50 13.38 12.84 -18.36
N SER A 51 13.71 13.43 -17.20
CA SER A 51 14.16 14.81 -17.17
C SER A 51 15.50 14.97 -17.89
N ALA A 52 16.44 14.05 -17.67
CA ALA A 52 17.73 14.16 -18.32
C ALA A 52 17.59 14.08 -19.84
N ILE A 53 16.73 13.18 -20.32
CA ILE A 53 16.55 13.04 -21.76
C ILE A 53 15.88 14.29 -22.32
N ILE A 54 14.85 14.81 -21.65
CA ILE A 54 14.16 15.98 -22.17
C ILE A 54 15.08 17.19 -22.21
N ASN A 55 15.85 17.40 -21.13
CA ASN A 55 16.66 18.62 -21.05
C ASN A 55 17.84 18.59 -22.01
N SER A 56 18.30 17.41 -22.41
CA SER A 56 19.40 17.29 -23.34
C SER A 56 18.96 17.44 -24.80
N GLN A 57 17.79 18.03 -25.04
CA GLN A 57 17.28 18.28 -26.38
C GLN A 57 17.11 16.98 -27.17
N PHE A 58 16.77 15.91 -26.48
CA PHE A 58 16.45 14.64 -27.10
C PHE A 58 14.93 14.50 -27.20
N GLU A 59 14.46 13.32 -27.63
CA GLU A 59 13.04 13.03 -27.73
C GLU A 59 12.71 11.88 -26.78
N PHE A 60 11.79 12.13 -25.85
CA PHE A 60 11.32 11.09 -24.94
C PHE A 60 10.09 10.42 -25.54
N PRO A 61 10.10 9.10 -25.77
CA PRO A 61 8.93 8.46 -26.38
C PRO A 61 7.70 8.61 -25.52
N CYS A 62 6.55 8.72 -26.19
CA CYS A 62 5.24 8.70 -25.53
C CYS A 62 4.66 7.29 -25.50
N ARG A 63 5.53 6.28 -25.47
CA ARG A 63 5.13 4.88 -25.59
C ARG A 63 5.16 4.22 -24.22
N LYS A 64 4.76 2.94 -24.19
CA LYS A 64 4.74 2.16 -22.95
C LYS A 64 6.13 1.57 -22.74
N ILE A 65 7.01 2.35 -22.13
CA ILE A 65 8.37 1.89 -21.88
C ILE A 65 8.34 0.69 -20.94
N THR A 66 9.33 -0.19 -21.11
CA THR A 66 9.46 -1.39 -20.27
C THR A 66 10.95 -1.69 -20.12
N VAL A 67 11.52 -1.21 -19.02
CA VAL A 67 12.94 -1.40 -18.73
C VAL A 67 13.12 -2.67 -17.93
N ASN A 68 13.96 -3.57 -18.43
CA ASN A 68 14.27 -4.83 -17.74
C ASN A 68 15.79 -4.95 -17.64
N LEU A 69 16.29 -5.00 -16.41
CA LEU A 69 17.72 -5.14 -16.14
C LEU A 69 17.93 -6.48 -15.43
N GLY A 70 18.24 -7.50 -16.20
CA GLY A 70 18.54 -8.80 -15.65
C GLY A 70 19.96 -8.89 -15.16
N PRO A 71 20.28 -10.02 -14.49
CA PRO A 71 19.42 -11.16 -14.17
C PRO A 71 18.33 -10.82 -13.15
N ALA A 72 17.28 -11.64 -13.07
CA ALA A 72 16.13 -11.32 -12.23
C ALA A 72 16.31 -11.69 -10.77
N ASN A 73 17.41 -12.37 -10.42
CA ASN A 73 17.64 -12.79 -9.04
C ASN A 73 18.79 -12.07 -8.36
N LEU A 74 19.45 -11.14 -9.06
CA LEU A 74 20.54 -10.37 -8.47
C LEU A 74 20.05 -8.99 -8.10
N PRO A 75 20.01 -8.61 -6.82
CA PRO A 75 19.55 -7.26 -6.47
C PRO A 75 20.39 -6.19 -7.14
N LYS A 76 19.72 -5.13 -7.58
CA LYS A 76 20.36 -3.96 -8.20
C LYS A 76 20.26 -2.82 -7.20
N THR A 77 21.23 -2.76 -6.29
CA THR A 77 21.20 -1.81 -5.18
C THR A 77 21.92 -0.51 -5.47
N GLY A 78 22.81 -0.48 -6.45
CA GLY A 78 23.56 0.71 -6.76
C GLY A 78 22.65 1.80 -7.34
N SER A 79 23.30 2.88 -7.76
CA SER A 79 22.61 4.01 -8.36
C SER A 79 23.15 4.39 -9.73
N GLY A 80 24.14 3.66 -10.24
CA GLY A 80 24.72 3.99 -11.54
C GLY A 80 24.00 3.34 -12.70
N PHE A 81 22.71 3.05 -12.52
CA PHE A 81 21.89 2.47 -13.58
C PHE A 81 21.15 3.53 -14.38
N ASP A 82 21.32 4.81 -14.05
CA ASP A 82 20.59 5.87 -14.73
C ASP A 82 21.09 6.05 -16.16
N LEU A 83 22.41 6.16 -16.33
CA LEU A 83 22.98 6.40 -17.65
C LEU A 83 22.73 5.24 -18.60
N PRO A 84 22.97 3.98 -18.23
CA PRO A 84 22.64 2.88 -19.15
C PRO A 84 21.18 2.87 -19.56
N ILE A 85 20.28 3.15 -18.63
CA ILE A 85 18.85 3.15 -18.94
C ILE A 85 18.53 4.25 -19.93
N ALA A 86 19.07 5.45 -19.70
CA ALA A 86 18.83 6.56 -20.63
C ALA A 86 19.38 6.23 -22.02
N LEU A 87 20.58 5.65 -22.08
CA LEU A 87 21.16 5.30 -23.37
C LEU A 87 20.32 4.25 -24.08
N GLY A 88 19.84 3.25 -23.34
CA GLY A 88 18.99 2.23 -23.93
C GLY A 88 17.69 2.80 -24.48
N ILE A 89 17.06 3.69 -23.71
CA ILE A 89 15.83 4.31 -24.19
C ILE A 89 16.09 5.12 -25.45
N LEU A 90 17.18 5.88 -25.46
CA LEU A 90 17.52 6.66 -26.66
C LEU A 90 17.72 5.73 -27.85
N ALA A 91 18.52 4.68 -27.68
CA ALA A 91 18.79 3.76 -28.78
C ALA A 91 17.51 3.08 -29.27
N ALA A 92 16.57 2.79 -28.37
CA ALA A 92 15.34 2.14 -28.78
C ALA A 92 14.56 3.00 -29.76
N SER A 93 14.45 4.29 -29.48
CA SER A 93 13.72 5.21 -30.36
C SER A 93 14.65 5.87 -31.39
N GLU A 94 15.43 5.06 -32.07
CA GLU A 94 16.26 5.47 -33.20
C GLU A 94 16.90 6.85 -32.97
N GLN A 95 17.50 6.99 -31.79
CA GLN A 95 18.23 8.19 -31.43
C GLN A 95 19.73 7.97 -31.22
N ILE A 96 20.16 6.73 -31.00
CA ILE A 96 21.59 6.41 -30.94
C ILE A 96 21.82 5.18 -31.79
N PRO A 97 22.76 5.20 -32.76
CA PRO A 97 23.05 3.98 -33.51
C PRO A 97 23.29 2.79 -32.60
N LEU A 98 22.42 1.78 -32.70
CA LEU A 98 22.45 0.67 -31.75
C LEU A 98 23.80 -0.05 -31.79
N THR A 99 24.41 -0.14 -32.97
CA THR A 99 25.67 -0.87 -33.10
C THR A 99 26.77 -0.26 -32.24
N ASN A 100 26.74 1.06 -32.04
CA ASN A 100 27.81 1.74 -31.31
C ASN A 100 27.86 1.34 -29.84
N LEU A 101 26.83 0.68 -29.31
CA LEU A 101 26.84 0.15 -27.95
C LEU A 101 27.42 -1.25 -27.88
N ALA A 102 28.27 -1.62 -28.86
CA ALA A 102 28.70 -3.01 -28.97
C ALA A 102 29.48 -3.46 -27.74
N ASN A 103 30.50 -2.72 -27.35
CA ASN A 103 31.42 -3.14 -26.30
C ASN A 103 31.71 -1.99 -25.34
N HIS A 104 30.65 -1.32 -24.89
CA HIS A 104 30.78 -0.21 -23.95
C HIS A 104 29.94 -0.50 -22.71
N GLU A 105 30.55 -0.31 -21.54
CA GLU A 105 29.86 -0.43 -20.25
C GLU A 105 29.71 0.98 -19.68
N PHE A 106 28.47 1.35 -19.36
CA PHE A 106 28.17 2.69 -18.88
C PHE A 106 27.86 2.64 -17.38
N ILE A 107 28.42 3.60 -16.65
CA ILE A 107 28.20 3.72 -15.21
C ILE A 107 28.11 5.20 -14.87
N GLY A 108 27.24 5.52 -13.91
CA GLY A 108 27.06 6.89 -13.47
C GLY A 108 25.62 7.35 -13.57
N GLU A 109 25.16 8.09 -12.57
CA GLU A 109 23.81 8.60 -12.55
C GLU A 109 23.72 9.88 -13.37
N LEU A 110 22.53 10.46 -13.41
CA LEU A 110 22.29 11.72 -14.10
C LEU A 110 21.57 12.69 -13.17
N ALA A 111 21.59 13.95 -13.54
CA ALA A 111 20.75 14.97 -12.93
C ALA A 111 19.59 15.27 -13.87
N LEU A 112 18.71 16.19 -13.43
CA LEU A 112 17.62 16.61 -14.31
C LEU A 112 18.15 17.27 -15.56
N SER A 113 19.17 18.12 -15.43
CA SER A 113 19.74 18.80 -16.57
C SER A 113 20.52 17.87 -17.50
N GLY A 114 20.86 16.67 -17.02
CA GLY A 114 21.60 15.71 -17.83
C GLY A 114 23.05 15.51 -17.42
N GLU A 115 23.59 16.36 -16.55
CA GLU A 115 24.99 16.21 -16.15
C GLU A 115 25.17 14.93 -15.35
N LEU A 116 26.29 14.25 -15.61
CA LEU A 116 26.61 13.03 -14.90
C LEU A 116 27.15 13.34 -13.51
N ARG A 117 27.03 12.36 -12.61
CA ARG A 117 27.56 12.48 -11.26
C ARG A 117 28.27 11.18 -10.90
N GLY A 118 29.20 11.29 -9.95
CA GLY A 118 29.98 10.14 -9.55
C GLY A 118 29.18 9.17 -8.71
N VAL A 119 29.68 7.92 -8.67
CA VAL A 119 29.07 6.86 -7.88
C VAL A 119 30.15 6.21 -7.03
N SER A 120 29.73 5.61 -5.92
CA SER A 120 30.65 4.98 -4.98
C SER A 120 31.08 3.60 -5.48
N ALA A 121 32.26 3.17 -5.02
CA ALA A 121 32.78 1.84 -5.34
C ALA A 121 32.89 1.63 -6.84
N ILE A 122 33.73 2.44 -7.47
CA ILE A 122 33.91 2.38 -8.92
C ILE A 122 35.07 1.47 -9.33
N ILE A 123 36.06 1.27 -8.48
CA ILE A 123 37.26 0.52 -8.88
C ILE A 123 36.91 -0.88 -9.36
N PRO A 124 36.12 -1.68 -8.63
CA PRO A 124 35.80 -3.03 -9.12
C PRO A 124 35.17 -3.03 -10.49
N ALA A 125 34.33 -2.04 -10.79
CA ALA A 125 33.73 -1.95 -12.11
C ALA A 125 34.79 -1.77 -13.18
N VAL A 126 35.79 -0.92 -12.92
CA VAL A 126 36.86 -0.71 -13.90
C VAL A 126 37.70 -1.96 -14.05
N LEU A 127 37.98 -2.66 -12.94
CA LEU A 127 38.73 -3.89 -13.02
C LEU A 127 38.00 -4.92 -13.89
N ALA A 128 36.70 -5.07 -13.67
CA ALA A 128 35.92 -6.02 -14.46
C ALA A 128 35.87 -5.59 -15.93
N ALA A 129 35.73 -4.30 -16.19
CA ALA A 129 35.70 -3.82 -17.57
C ALA A 129 37.02 -4.12 -18.28
N HIS A 130 38.14 -3.91 -17.59
CA HIS A 130 39.44 -4.26 -18.16
C HIS A 130 39.52 -5.76 -18.42
N LYS A 131 39.04 -6.57 -17.47
CA LYS A 131 39.10 -8.01 -17.64
C LYS A 131 38.30 -8.46 -18.85
N ASP A 132 37.13 -7.86 -19.06
CA ASP A 132 36.23 -8.25 -20.14
C ASP A 132 36.51 -7.41 -21.40
N ASN A 133 37.49 -6.50 -21.32
CA ASN A 133 37.92 -5.64 -22.43
C ASN A 133 36.76 -4.85 -23.02
N GLN A 134 35.99 -4.20 -22.15
CA GLN A 134 34.91 -3.31 -22.56
C GLN A 134 35.32 -1.86 -22.38
N HIS A 135 34.86 -1.01 -23.30
CA HIS A 135 35.14 0.42 -23.22
C HIS A 135 34.27 1.07 -22.14
N LEU A 136 34.74 1.04 -20.90
CA LEU A 136 33.96 1.60 -19.80
C LEU A 136 33.85 3.11 -19.94
N ILE A 137 32.68 3.65 -19.59
CA ILE A 137 32.42 5.08 -19.59
C ILE A 137 31.87 5.46 -18.22
N ILE A 138 32.60 6.30 -17.49
CA ILE A 138 32.25 6.68 -16.14
C ILE A 138 32.00 8.19 -16.10
N ALA A 139 31.44 8.64 -14.98
CA ALA A 139 31.18 10.06 -14.81
C ALA A 139 32.49 10.82 -14.61
N ASN A 140 32.46 12.10 -14.96
CA ASN A 140 33.67 12.92 -14.83
C ASN A 140 34.13 12.97 -13.38
N ALA A 141 33.20 13.08 -12.44
CA ALA A 141 33.58 13.11 -11.02
C ALA A 141 34.27 11.82 -10.59
N ASN A 142 34.06 10.72 -11.30
CA ASN A 142 34.71 9.45 -10.98
C ASN A 142 36.10 9.33 -11.59
N ALA A 143 36.54 10.33 -12.36
CA ALA A 143 37.83 10.23 -13.03
C ALA A 143 38.98 10.12 -12.03
N ALA A 144 38.93 10.91 -10.95
CA ALA A 144 40.03 10.93 -10.01
C ALA A 144 40.24 9.56 -9.36
N GLU A 145 39.15 8.91 -8.94
CA GLU A 145 39.28 7.60 -8.31
C GLU A 145 39.69 6.54 -9.30
N ALA A 146 39.22 6.64 -10.55
CA ALA A 146 39.59 5.67 -11.56
C ALA A 146 40.91 6.03 -12.21
N SER A 147 41.93 6.30 -11.40
CA SER A 147 43.27 6.59 -11.89
C SER A 147 44.28 5.70 -11.19
N LEU A 148 43.99 5.32 -9.94
CA LEU A 148 44.89 4.43 -9.22
C LEU A 148 45.13 3.15 -10.01
N THR A 149 44.10 2.63 -10.66
CA THR A 149 44.28 1.47 -11.52
C THR A 149 45.21 1.80 -12.69
N GLY A 150 45.04 2.98 -13.28
CA GLY A 150 45.85 3.38 -14.41
C GLY A 150 45.51 2.72 -15.72
N HIS A 151 44.41 1.95 -15.77
CA HIS A 151 44.03 1.26 -16.98
C HIS A 151 43.58 2.25 -18.04
N GLN A 152 43.93 1.97 -19.29
CA GLN A 152 43.48 2.77 -20.42
C GLN A 152 42.07 2.33 -20.80
N LYS A 153 41.58 2.78 -21.95
CA LYS A 153 40.28 2.41 -22.52
C LYS A 153 39.12 2.96 -21.71
N VAL A 154 39.37 3.70 -20.62
CA VAL A 154 38.34 4.22 -19.76
C VAL A 154 38.12 5.69 -20.09
N PHE A 155 36.87 6.06 -20.35
CA PHE A 155 36.51 7.41 -20.73
C PHE A 155 35.65 8.06 -19.66
N THR A 156 35.67 9.38 -19.62
CA THR A 156 34.89 10.15 -18.66
C THR A 156 34.20 11.31 -19.37
N ALA A 157 33.10 11.77 -18.78
CA ALA A 157 32.35 12.88 -19.35
C ALA A 157 31.50 13.50 -18.24
N ASN A 158 31.00 14.70 -18.52
CA ASN A 158 30.18 15.45 -17.57
C ASN A 158 28.72 15.54 -17.99
N ASN A 159 28.45 15.67 -19.28
CA ASN A 159 27.09 15.79 -19.79
C ASN A 159 26.72 14.55 -20.59
N LEU A 160 25.43 14.18 -20.49
CA LEU A 160 24.94 13.04 -21.26
C LEU A 160 25.05 13.31 -22.76
N ARG A 161 24.91 14.57 -23.17
CA ARG A 161 25.05 14.90 -24.58
C ARG A 161 26.46 14.60 -25.08
N GLU A 162 27.47 14.74 -24.21
CA GLU A 162 28.83 14.38 -24.60
C GLU A 162 28.90 12.90 -24.96
N VAL A 163 28.31 12.04 -24.12
CA VAL A 163 28.33 10.61 -24.38
C VAL A 163 27.53 10.29 -25.64
N CYS A 164 26.40 10.96 -25.82
CA CYS A 164 25.60 10.73 -27.03
C CYS A 164 26.38 11.09 -28.28
N ASP A 165 27.08 12.22 -28.26
CA ASP A 165 27.89 12.61 -29.42
C ASP A 165 29.03 11.64 -29.64
N TYR A 166 29.71 11.22 -28.57
CA TYR A 166 30.81 10.28 -28.72
C TYR A 166 30.33 8.97 -29.33
N LEU A 167 29.19 8.46 -28.88
CA LEU A 167 28.66 7.22 -29.42
C LEU A 167 28.24 7.40 -30.88
N CYS A 168 27.53 8.49 -31.17
CA CYS A 168 27.05 8.74 -32.53
C CYS A 168 28.20 9.06 -33.47
N GLN A 169 28.98 10.10 -33.12
CA GLN A 169 30.07 10.58 -33.99
C GLN A 169 31.43 10.12 -33.50
N GLY A 170 31.76 10.36 -32.22
CA GLY A 170 33.08 10.08 -31.70
C GLY A 170 33.85 11.35 -31.44
N THR A 171 34.00 11.73 -30.18
CA THR A 171 34.60 13.01 -29.81
C THR A 171 35.67 12.87 -28.74
N SER A 172 36.04 11.64 -28.37
CA SER A 172 37.10 11.41 -27.37
C SER A 172 36.82 12.22 -26.10
N LEU A 173 35.72 11.85 -25.45
CA LEU A 173 35.25 12.54 -24.26
C LEU A 173 36.40 12.99 -23.36
N GLN A 174 37.19 12.03 -22.87
CA GLN A 174 38.33 12.31 -22.02
C GLN A 174 39.29 11.14 -22.11
N SER A 175 40.35 11.16 -21.29
CA SER A 175 41.36 10.13 -21.35
C SER A 175 41.77 9.61 -19.97
N LEU A 176 40.97 9.87 -18.94
CA LEU A 176 41.28 9.34 -17.62
C LEU A 176 42.66 9.84 -17.18
N PRO A 177 42.79 11.10 -16.78
CA PRO A 177 44.12 11.70 -16.58
C PRO A 177 45.03 10.78 -15.80
N PRO A 178 46.31 10.72 -16.15
CA PRO A 178 47.20 9.71 -15.59
C PRO A 178 47.62 10.03 -14.16
N LYS A 179 48.24 9.05 -13.54
CA LYS A 179 48.77 9.13 -12.18
C LYS A 179 50.29 9.01 -12.19
N PRO A 180 50.97 9.51 -11.15
CA PRO A 180 52.42 9.39 -11.09
C PRO A 180 52.88 8.04 -10.52
N MET B 1 15.78 25.32 -19.68
CA MET B 1 14.44 25.88 -20.04
C MET B 1 13.70 26.27 -18.76
N SER B 2 12.99 25.31 -18.16
CA SER B 2 12.29 25.52 -16.90
C SER B 2 12.95 24.74 -15.77
N LEU B 3 14.26 24.55 -15.86
CA LEU B 3 15.03 23.79 -14.88
C LEU B 3 15.84 24.75 -14.01
N ALA B 4 15.69 24.62 -12.70
CA ALA B 4 16.39 25.47 -11.74
C ALA B 4 17.07 24.60 -10.69
N PHE B 5 18.30 24.96 -10.35
CA PHE B 5 19.09 24.27 -9.34
C PHE B 5 19.24 25.14 -8.11
N THR B 6 19.17 24.51 -6.94
CA THR B 6 19.38 25.20 -5.68
C THR B 6 20.22 24.30 -4.77
N LYS B 7 21.00 24.92 -3.89
CA LYS B 7 21.90 24.21 -3.01
C LYS B 7 21.40 24.27 -1.57
N THR B 8 21.74 23.24 -0.80
CA THR B 8 21.42 23.16 0.61
C THR B 8 22.37 22.14 1.24
N ARG B 9 22.18 21.89 2.53
CA ARG B 9 23.04 20.97 3.27
C ARG B 9 22.19 20.00 4.08
N SER B 10 22.62 18.74 4.08
CA SER B 10 22.02 17.70 4.89
C SER B 10 23.07 17.15 5.84
N THR B 11 22.74 17.12 7.13
CA THR B 11 23.68 16.68 8.17
C THR B 11 23.58 15.17 8.31
N ILE B 12 24.61 14.46 7.85
CA ILE B 12 24.73 13.01 8.00
C ILE B 12 25.96 12.76 8.84
N GLY B 13 25.76 12.26 10.06
CA GLY B 13 26.85 12.07 10.99
C GLY B 13 27.20 13.34 11.71
N ILE B 14 28.34 13.94 11.36
CA ILE B 14 28.78 15.20 11.93
C ILE B 14 29.05 16.20 10.82
N VAL B 15 29.11 15.71 9.58
CA VAL B 15 29.37 16.55 8.43
C VAL B 15 28.05 16.98 7.80
N ALA B 16 28.11 18.06 7.03
CA ALA B 16 26.97 18.60 6.31
C ALA B 16 27.25 18.49 4.82
N GLN B 17 26.93 17.34 4.24
CA GLN B 17 27.16 17.13 2.82
C GLN B 17 26.27 18.08 2.01
N PRO B 18 26.78 18.61 0.90
CA PRO B 18 25.92 19.41 0.02
C PRO B 18 24.82 18.56 -0.60
N VAL B 19 23.66 19.18 -0.80
CA VAL B 19 22.51 18.53 -1.41
C VAL B 19 21.99 19.48 -2.48
N SER B 20 22.26 19.17 -3.74
CA SER B 20 21.80 20.01 -4.85
C SER B 20 20.34 19.70 -5.12
N VAL B 21 19.48 20.70 -4.95
CA VAL B 21 18.06 20.57 -5.24
C VAL B 21 17.82 20.96 -6.69
N GLU B 22 17.13 20.09 -7.43
CA GLU B 22 16.82 20.32 -8.83
C GLU B 22 15.31 20.25 -9.03
N VAL B 23 14.76 21.22 -9.76
CA VAL B 23 13.33 21.32 -10.01
C VAL B 23 13.10 21.36 -11.51
N HIS B 24 12.21 20.52 -12.00
CA HIS B 24 11.87 20.46 -13.42
C HIS B 24 10.37 20.59 -13.57
N LEU B 25 9.94 21.45 -14.50
CA LEU B 25 8.53 21.69 -14.78
C LEU B 25 8.25 21.20 -16.20
N SER B 26 7.65 20.02 -16.32
CA SER B 26 7.30 19.48 -17.63
C SER B 26 5.97 20.08 -18.08
N ASN B 27 5.39 19.54 -19.15
CA ASN B 27 4.20 20.09 -19.76
C ASN B 27 2.94 19.29 -19.46
N GLY B 28 3.05 18.19 -18.72
CA GLY B 28 1.92 17.30 -18.50
C GLY B 28 0.89 17.83 -17.52
N LEU B 29 0.11 16.93 -16.95
CA LEU B 29 -0.92 17.29 -15.99
C LEU B 29 -0.28 17.72 -14.67
N PRO B 30 -1.01 18.47 -13.84
CA PRO B 30 -0.45 18.90 -12.54
C PRO B 30 -0.10 17.70 -11.67
N SER B 31 1.17 17.62 -11.28
CA SER B 31 1.63 16.57 -10.40
C SER B 31 2.82 17.09 -9.60
N PHE B 32 3.41 16.22 -8.80
CA PHE B 32 4.54 16.60 -7.96
C PHE B 32 5.28 15.34 -7.56
N THR B 33 6.53 15.21 -7.99
CA THR B 33 7.35 14.04 -7.72
C THR B 33 8.61 14.47 -7.01
N MET B 34 8.94 13.80 -5.91
CA MET B 34 10.15 14.06 -5.14
C MET B 34 11.08 12.86 -5.32
N VAL B 35 11.88 12.90 -6.39
CA VAL B 35 12.87 11.86 -6.60
C VAL B 35 13.98 11.97 -5.55
N GLY B 36 14.70 10.89 -5.34
CA GLY B 36 15.74 10.88 -4.34
C GLY B 36 15.27 10.29 -3.02
N LEU B 37 16.23 9.80 -2.24
CA LEU B 37 15.93 9.08 -1.00
C LEU B 37 15.47 10.08 0.04
N ALA B 38 14.21 10.50 -0.08
CA ALA B 38 13.60 11.46 0.82
C ALA B 38 12.68 10.74 1.78
N GLU B 39 12.85 10.99 3.08
CA GLU B 39 12.01 10.39 4.09
C GLU B 39 10.68 11.14 4.19
N THR B 40 9.74 10.54 4.93
CA THR B 40 8.40 11.11 5.02
C THR B 40 8.44 12.58 5.40
N ALA B 41 9.29 12.95 6.35
CA ALA B 41 9.39 14.34 6.76
C ALA B 41 9.77 15.26 5.61
N VAL B 42 10.42 14.73 4.58
CA VAL B 42 10.86 15.54 3.45
C VAL B 42 9.85 15.50 2.31
N LYS B 43 9.30 14.32 2.00
CA LYS B 43 8.32 14.25 0.92
C LYS B 43 6.94 14.75 1.34
N GLU B 44 6.75 15.05 2.62
CA GLU B 44 5.56 15.77 3.06
C GLU B 44 5.68 17.27 2.84
N SER B 45 6.74 17.71 2.16
CA SER B 45 6.94 19.13 1.92
C SER B 45 6.17 19.65 0.72
N LYS B 46 5.53 18.78 -0.06
CA LYS B 46 4.78 19.24 -1.22
C LYS B 46 3.73 20.26 -0.82
N ASP B 47 2.89 19.89 0.16
CA ASP B 47 1.81 20.77 0.57
C ASP B 47 2.36 22.03 1.25
N ARG B 48 3.38 21.88 2.08
CA ARG B 48 3.97 23.04 2.74
C ARG B 48 4.47 24.05 1.72
N VAL B 49 5.23 23.59 0.73
CA VAL B 49 5.81 24.49 -0.25
C VAL B 49 4.71 25.10 -1.13
N ARG B 50 3.73 24.29 -1.54
CA ARG B 50 2.64 24.83 -2.35
C ARG B 50 1.91 25.93 -1.61
N SER B 51 1.56 25.70 -0.35
CA SER B 51 0.84 26.71 0.42
C SER B 51 1.70 27.94 0.66
N ALA B 52 2.98 27.76 0.96
CA ALA B 52 3.85 28.90 1.20
C ALA B 52 3.99 29.74 -0.05
N ILE B 53 4.11 29.10 -1.22
CA ILE B 53 4.22 29.85 -2.46
C ILE B 53 2.93 30.59 -2.76
N ILE B 54 1.79 29.92 -2.60
CA ILE B 54 0.51 30.55 -2.93
C ILE B 54 0.24 31.72 -2.00
N ASN B 55 0.47 31.55 -0.70
CA ASN B 55 0.10 32.54 0.29
C ASN B 55 1.06 33.72 0.35
N SER B 56 2.20 33.65 -0.33
CA SER B 56 3.12 34.77 -0.42
C SER B 56 2.80 35.69 -1.58
N GLN B 57 1.63 35.53 -2.20
CA GLN B 57 1.25 36.30 -3.38
C GLN B 57 2.19 36.05 -4.54
N PHE B 58 2.61 34.79 -4.70
CA PHE B 58 3.40 34.36 -5.84
C PHE B 58 2.50 33.53 -6.75
N GLU B 59 3.10 32.91 -7.76
CA GLU B 59 2.38 32.06 -8.72
C GLU B 59 2.94 30.65 -8.60
N PHE B 60 2.06 29.69 -8.32
CA PHE B 60 2.46 28.29 -8.24
C PHE B 60 2.25 27.63 -9.60
N PRO B 61 3.25 26.88 -10.10
CA PRO B 61 3.11 26.35 -11.47
C PRO B 61 1.96 25.36 -11.57
N CYS B 62 1.16 25.51 -12.62
CA CYS B 62 0.12 24.55 -12.96
C CYS B 62 0.64 23.56 -14.00
N ARG B 63 1.72 22.88 -13.63
CA ARG B 63 2.45 22.02 -14.54
C ARG B 63 2.90 20.77 -13.80
N LYS B 64 3.46 19.81 -14.55
CA LYS B 64 3.99 18.58 -13.97
C LYS B 64 5.33 18.88 -13.31
N ILE B 65 5.27 19.30 -12.04
CA ILE B 65 6.49 19.54 -11.29
C ILE B 65 7.23 18.22 -11.11
N THR B 66 8.55 18.31 -10.99
CA THR B 66 9.38 17.13 -10.73
C THR B 66 10.60 17.60 -9.95
N VAL B 67 10.58 17.41 -8.63
CA VAL B 67 11.65 17.86 -7.76
C VAL B 67 12.62 16.71 -7.53
N ASN B 68 13.89 16.96 -7.80
CA ASN B 68 14.96 16.02 -7.51
C ASN B 68 15.99 16.71 -6.63
N LEU B 69 16.41 16.02 -5.57
CA LEU B 69 17.45 16.52 -4.67
C LEU B 69 18.53 15.44 -4.60
N GLY B 70 19.59 15.60 -5.37
CA GLY B 70 20.68 14.65 -5.39
C GLY B 70 21.68 14.93 -4.29
N PRO B 71 22.63 14.00 -4.08
CA PRO B 71 22.82 12.72 -4.78
C PRO B 71 21.67 11.75 -4.52
N ALA B 72 21.49 10.75 -5.38
CA ALA B 72 20.39 9.81 -5.27
C ALA B 72 20.72 8.62 -4.37
N ASN B 73 21.70 8.77 -3.49
CA ASN B 73 22.05 7.72 -2.54
C ASN B 73 22.07 8.18 -1.09
N LEU B 74 22.19 9.49 -0.83
CA LEU B 74 22.14 9.98 0.54
C LEU B 74 20.69 9.98 1.03
N PRO B 75 20.40 9.35 2.18
CA PRO B 75 19.02 9.39 2.69
C PRO B 75 18.66 10.76 3.23
N LYS B 76 18.21 11.65 2.35
CA LYS B 76 17.88 13.01 2.76
C LYS B 76 16.88 12.96 3.90
N THR B 77 17.30 13.37 5.10
CA THR B 77 16.52 13.18 6.31
C THR B 77 16.26 14.46 7.07
N GLY B 78 16.61 15.62 6.51
CA GLY B 78 16.41 16.87 7.19
C GLY B 78 14.95 17.32 7.16
N SER B 79 14.69 18.43 7.84
CA SER B 79 13.38 19.04 7.85
C SER B 79 13.38 20.45 7.27
N GLY B 80 14.53 20.97 6.86
CA GLY B 80 14.62 22.31 6.32
C GLY B 80 14.81 22.34 4.82
N PHE B 81 14.18 21.41 4.12
CA PHE B 81 14.27 21.35 2.67
C PHE B 81 13.17 22.14 1.97
N ASP B 82 12.28 22.79 2.72
CA ASP B 82 11.16 23.48 2.10
C ASP B 82 11.60 24.78 1.43
N LEU B 83 12.49 25.54 2.06
CA LEU B 83 12.93 26.79 1.45
C LEU B 83 13.70 26.57 0.17
N PRO B 84 14.69 25.66 0.10
CA PRO B 84 15.32 25.41 -1.20
C PRO B 84 14.34 24.96 -2.27
N ILE B 85 13.36 24.13 -1.91
CA ILE B 85 12.40 23.63 -2.89
C ILE B 85 11.54 24.77 -3.40
N ALA B 86 11.06 25.64 -2.50
CA ALA B 86 10.25 26.77 -2.93
C ALA B 86 11.04 27.71 -3.82
N LEU B 87 12.29 28.00 -3.44
CA LEU B 87 13.12 28.87 -4.27
C LEU B 87 13.37 28.27 -5.64
N GLY B 88 13.63 26.96 -5.69
CA GLY B 88 13.82 26.30 -6.97
C GLY B 88 12.58 26.32 -7.83
N ILE B 89 11.41 26.10 -7.21
CA ILE B 89 10.16 26.17 -7.96
C ILE B 89 9.98 27.57 -8.54
N LEU B 90 10.23 28.60 -7.73
CA LEU B 90 10.02 29.96 -8.20
C LEU B 90 10.99 30.30 -9.33
N ALA B 91 12.25 29.92 -9.20
CA ALA B 91 13.22 30.18 -10.25
C ALA B 91 12.87 29.43 -11.53
N ALA B 92 12.43 28.17 -11.39
CA ALA B 92 12.07 27.38 -12.57
C ALA B 92 10.91 28.02 -13.33
N SER B 93 9.92 28.55 -12.61
CA SER B 93 8.77 29.21 -13.20
C SER B 93 9.04 30.66 -13.56
N GLU B 94 10.30 30.99 -13.84
CA GLU B 94 10.74 32.36 -14.09
C GLU B 94 10.00 33.36 -13.19
N GLN B 95 10.27 33.25 -11.89
CA GLN B 95 9.83 34.22 -10.90
C GLN B 95 10.99 34.84 -10.13
N ILE B 96 12.14 34.17 -10.06
CA ILE B 96 13.34 34.72 -9.44
C ILE B 96 14.47 34.55 -10.45
N PRO B 97 15.25 35.59 -10.74
CA PRO B 97 16.37 35.41 -11.68
C PRO B 97 17.30 34.30 -11.22
N LEU B 98 17.72 33.47 -12.16
CA LEU B 98 18.51 32.29 -11.81
C LEU B 98 19.95 32.64 -11.46
N THR B 99 20.42 33.84 -11.80
CA THR B 99 21.79 34.21 -11.46
C THR B 99 21.95 34.51 -9.98
N ASN B 100 20.86 34.81 -9.26
CA ASN B 100 20.98 35.13 -7.84
C ASN B 100 21.39 33.92 -7.03
N LEU B 101 20.83 32.75 -7.34
CA LEU B 101 21.04 31.55 -6.55
C LEU B 101 22.34 30.82 -6.90
N ALA B 102 23.24 31.47 -7.62
CA ALA B 102 24.46 30.81 -8.07
C ALA B 102 25.47 30.59 -6.96
N ASN B 103 25.42 31.42 -5.91
CA ASN B 103 26.43 31.38 -4.86
C ASN B 103 25.86 31.21 -3.46
N HIS B 104 24.54 31.24 -3.28
CA HIS B 104 23.92 31.16 -1.97
C HIS B 104 23.51 29.74 -1.62
N GLU B 105 23.43 29.47 -0.33
CA GLU B 105 22.90 28.22 0.20
C GLU B 105 21.74 28.55 1.14
N PHE B 106 20.69 27.73 1.09
CA PHE B 106 19.45 28.02 1.79
C PHE B 106 19.08 26.88 2.71
N ILE B 107 18.45 27.23 3.84
CA ILE B 107 18.01 26.26 4.83
C ILE B 107 16.81 26.85 5.56
N GLY B 108 15.94 25.97 6.05
CA GLY B 108 14.79 26.43 6.84
C GLY B 108 13.49 25.94 6.24
N GLU B 109 12.62 25.43 7.10
CA GLU B 109 11.31 24.96 6.67
C GLU B 109 10.38 26.16 6.48
N LEU B 110 9.14 25.86 6.09
CA LEU B 110 8.14 26.89 5.83
C LEU B 110 6.84 26.52 6.53
N ALA B 111 6.04 27.55 6.80
CA ALA B 111 4.69 27.38 7.29
C ALA B 111 3.72 27.56 6.12
N LEU B 112 2.43 27.58 6.41
CA LEU B 112 1.41 27.81 5.40
C LEU B 112 1.15 29.29 5.17
N SER B 113 1.89 30.17 5.85
CA SER B 113 1.85 31.60 5.61
C SER B 113 3.12 32.11 4.94
N GLY B 114 4.10 31.25 4.70
CA GLY B 114 5.36 31.64 4.13
C GLY B 114 6.44 31.97 5.15
N GLU B 115 6.07 32.14 6.42
CA GLU B 115 7.04 32.46 7.45
C GLU B 115 8.00 31.29 7.65
N LEU B 116 9.28 31.60 7.83
CA LEU B 116 10.30 30.59 8.03
C LEU B 116 10.41 30.21 9.51
N ARG B 117 10.55 28.91 9.76
CA ARG B 117 10.69 28.37 11.10
C ARG B 117 12.07 27.77 11.27
N GLY B 118 12.44 27.51 12.53
CA GLY B 118 13.78 27.10 12.87
C GLY B 118 14.01 25.60 12.78
N VAL B 119 14.94 25.20 11.91
CA VAL B 119 15.34 23.81 11.78
C VAL B 119 16.27 23.44 12.94
N SER B 120 16.53 22.15 13.10
CA SER B 120 17.40 21.67 14.16
C SER B 120 18.82 21.50 13.65
N ALA B 121 19.79 21.76 14.53
CA ALA B 121 21.21 21.56 14.24
C ALA B 121 21.65 22.35 13.01
N ILE B 122 21.59 23.68 13.15
CA ILE B 122 22.02 24.56 12.06
C ILE B 122 23.52 24.80 12.06
N ILE B 123 24.21 24.52 13.17
CA ILE B 123 25.63 24.87 13.27
C ILE B 123 26.46 24.18 12.19
N PRO B 124 26.36 22.86 11.98
CA PRO B 124 27.18 22.23 10.95
C PRO B 124 26.98 22.83 9.57
N ALA B 125 25.75 23.25 9.26
CA ALA B 125 25.51 23.92 7.98
C ALA B 125 26.29 25.22 7.89
N VAL B 126 26.31 25.99 8.98
CA VAL B 126 27.06 27.24 8.98
C VAL B 126 28.54 26.97 8.79
N LEU B 127 29.07 25.97 9.49
CA LEU B 127 30.49 25.65 9.36
C LEU B 127 30.84 25.26 7.93
N ALA B 128 30.02 24.38 7.34
CA ALA B 128 30.30 23.94 5.98
C ALA B 128 30.17 25.09 4.98
N ALA B 129 29.16 25.95 5.15
CA ALA B 129 29.00 27.07 4.23
C ALA B 129 30.18 28.02 4.33
N HIS B 130 30.66 28.29 5.54
CA HIS B 130 31.85 29.13 5.69
C HIS B 130 33.06 28.47 5.05
N LYS B 131 33.20 27.16 5.21
CA LYS B 131 34.32 26.46 4.58
C LYS B 131 34.27 26.60 3.07
N ASP B 132 33.09 26.47 2.48
CA ASP B 132 32.94 26.54 1.03
C ASP B 132 32.80 27.98 0.56
N ASN B 133 32.55 28.93 1.46
CA ASN B 133 32.40 30.34 1.12
C ASN B 133 31.11 30.58 0.33
N GLN B 134 29.99 30.15 0.90
CA GLN B 134 28.66 30.38 0.34
C GLN B 134 27.83 31.21 1.30
N HIS B 135 27.05 32.14 0.74
CA HIS B 135 26.16 32.98 1.54
C HIS B 135 25.03 32.11 2.07
N LEU B 136 25.11 31.73 3.35
CA LEU B 136 24.09 30.89 3.95
C LEU B 136 22.91 31.75 4.41
N ILE B 137 21.71 31.33 4.03
CA ILE B 137 20.47 32.00 4.44
C ILE B 137 19.67 31.01 5.27
N ILE B 138 19.32 31.42 6.49
CA ILE B 138 18.65 30.55 7.44
C ILE B 138 17.43 31.27 7.99
N ALA B 139 16.53 30.49 8.61
CA ALA B 139 15.35 31.05 9.23
C ALA B 139 15.73 31.90 10.44
N ASN B 140 14.93 32.92 10.72
CA ASN B 140 15.22 33.83 11.82
C ASN B 140 15.34 33.09 13.14
N ALA B 141 14.54 32.03 13.33
CA ALA B 141 14.55 31.32 14.60
C ALA B 141 15.91 30.71 14.92
N ASN B 142 16.75 30.50 13.91
CA ASN B 142 18.09 29.95 14.11
C ASN B 142 19.16 31.03 14.27
N ALA B 143 18.78 32.30 14.31
CA ALA B 143 19.76 33.37 14.43
C ALA B 143 20.56 33.25 15.72
N ALA B 144 19.88 32.96 16.83
CA ALA B 144 20.57 32.85 18.11
C ALA B 144 21.59 31.72 18.09
N GLU B 145 21.21 30.57 17.55
CA GLU B 145 22.15 29.45 17.49
C GLU B 145 23.28 29.73 16.52
N ALA B 146 22.98 30.38 15.39
CA ALA B 146 24.00 30.70 14.40
C ALA B 146 24.88 31.87 14.82
N SER B 147 24.52 32.59 15.87
CA SER B 147 25.35 33.70 16.33
C SER B 147 26.61 33.24 17.02
N LEU B 148 26.60 32.05 17.62
CA LEU B 148 27.76 31.56 18.35
C LEU B 148 28.74 30.88 17.42
N THR B 149 29.10 31.54 16.32
CA THR B 149 30.16 31.06 15.46
C THR B 149 31.09 32.20 15.06
N GLY B 150 30.55 33.42 14.97
CA GLY B 150 31.31 34.55 14.52
C GLY B 150 31.41 34.71 13.02
N HIS B 151 30.85 33.77 12.25
CA HIS B 151 30.98 33.80 10.79
C HIS B 151 29.96 34.76 10.19
N GLN B 152 30.43 35.64 9.32
CA GLN B 152 29.52 36.53 8.59
C GLN B 152 28.84 35.75 7.47
N LYS B 153 28.14 36.44 6.59
CA LYS B 153 27.45 35.82 5.46
C LYS B 153 26.47 34.75 5.96
N VAL B 154 25.78 35.05 7.06
CA VAL B 154 24.80 34.14 7.65
C VAL B 154 23.45 34.84 7.72
N PHE B 155 23.17 35.69 6.72
CA PHE B 155 21.93 36.46 6.72
C PHE B 155 20.73 35.57 7.02
N THR B 156 19.70 36.17 7.61
CA THR B 156 18.49 35.46 7.99
C THR B 156 17.28 36.18 7.41
N ALA B 157 16.10 35.59 7.61
CA ALA B 157 14.87 36.16 7.10
C ALA B 157 13.70 35.58 7.90
N ASN B 158 12.54 36.20 7.74
CA ASN B 158 11.33 35.79 8.44
C ASN B 158 10.34 35.05 7.56
N ASN B 159 10.20 35.44 6.30
CA ASN B 159 9.23 34.85 5.40
C ASN B 159 9.85 34.73 4.01
N LEU B 160 9.08 34.12 3.10
CA LEU B 160 9.57 33.90 1.73
C LEU B 160 9.78 35.21 1.01
N ARG B 161 8.86 36.17 1.18
CA ARG B 161 8.99 37.46 0.50
C ARG B 161 10.31 38.14 0.87
N GLU B 162 10.76 37.99 2.11
CA GLU B 162 12.01 38.61 2.52
C GLU B 162 13.18 38.08 1.69
N VAL B 163 13.28 36.77 1.55
CA VAL B 163 14.37 36.18 0.78
C VAL B 163 14.21 36.52 -0.69
N CYS B 164 12.98 36.54 -1.20
CA CYS B 164 12.75 36.89 -2.59
C CYS B 164 13.24 38.30 -2.89
N ASP B 165 12.93 39.25 -2.00
CA ASP B 165 13.44 40.61 -2.16
C ASP B 165 14.96 40.64 -2.04
N TYR B 166 15.51 39.86 -1.10
CA TYR B 166 16.97 39.78 -0.98
C TYR B 166 17.60 39.37 -2.29
N LEU B 167 16.99 38.42 -3.00
CA LEU B 167 17.54 37.96 -4.26
C LEU B 167 17.11 38.85 -5.43
N CYS B 168 15.80 39.03 -5.61
CA CYS B 168 15.30 39.79 -6.75
C CYS B 168 15.76 41.24 -6.68
N GLN B 169 15.34 41.97 -5.64
CA GLN B 169 15.66 43.38 -5.53
C GLN B 169 17.07 43.59 -4.98
N GLY B 170 17.34 43.03 -3.80
CA GLY B 170 18.62 43.21 -3.15
C GLY B 170 18.49 43.83 -1.77
N THR B 171 17.28 43.74 -1.20
CA THR B 171 16.99 44.32 0.11
C THR B 171 17.61 43.42 1.20
N SER B 172 18.94 43.43 1.23
CA SER B 172 19.65 42.67 2.25
C SER B 172 19.22 43.14 3.64
N LEU B 173 18.91 42.19 4.51
CA LEU B 173 18.38 42.51 5.82
C LEU B 173 18.74 41.41 6.80
N GLN B 174 18.74 41.76 8.08
CA GLN B 174 19.03 40.83 9.17
C GLN B 174 20.46 40.29 9.06
N SER B 175 20.99 39.79 10.17
CA SER B 175 22.34 39.26 10.22
C SER B 175 22.52 38.57 11.57
N LEU B 176 23.69 37.98 11.78
CA LEU B 176 23.94 37.28 13.02
C LEU B 176 23.92 38.28 14.17
N PRO B 177 23.24 37.97 15.28
CA PRO B 177 23.30 38.87 16.44
C PRO B 177 24.72 39.00 16.93
N PRO B 178 25.09 40.19 17.46
CA PRO B 178 26.48 40.49 17.83
C PRO B 178 27.45 39.31 17.91
N LYS B 179 27.95 38.98 19.10
CA LYS B 179 28.80 37.81 19.27
C LYS B 179 28.87 37.44 20.74
N PRO B 180 27.75 37.02 21.35
CA PRO B 180 27.77 36.61 22.76
C PRO B 180 28.73 35.45 23.02
N MET C 1 -6.96 36.06 0.42
CA MET C 1 -6.88 34.60 0.74
C MET C 1 -7.22 34.37 2.20
N SER C 2 -7.35 33.09 2.58
CA SER C 2 -7.82 32.73 3.92
C SER C 2 -6.97 31.60 4.46
N LEU C 3 -6.27 31.86 5.56
CA LEU C 3 -5.56 30.83 6.32
C LEU C 3 -5.64 31.20 7.80
N ALA C 4 -5.64 30.17 8.64
CA ALA C 4 -5.82 30.35 10.07
C ALA C 4 -4.73 29.61 10.83
N PHE C 5 -4.29 30.21 11.94
CA PHE C 5 -3.19 29.69 12.74
C PHE C 5 -3.70 29.50 14.17
N THR C 6 -4.20 28.30 14.47
CA THR C 6 -4.67 27.97 15.80
C THR C 6 -3.55 27.32 16.60
N LYS C 7 -3.60 27.48 17.91
CA LYS C 7 -2.60 26.94 18.83
C LYS C 7 -3.17 25.75 19.59
N THR C 8 -2.27 24.94 20.12
CA THR C 8 -2.62 23.78 20.94
C THR C 8 -1.35 23.29 21.61
N ARG C 9 -1.45 22.16 22.30
CA ARG C 9 -0.31 21.56 23.01
C ARG C 9 -0.22 20.08 22.68
N SER C 10 1.02 19.61 22.52
CA SER C 10 1.32 18.19 22.37
C SER C 10 2.29 17.80 23.46
N THR C 11 2.04 16.68 24.12
CA THR C 11 2.85 16.23 25.25
C THR C 11 3.86 15.20 24.76
N ILE C 12 5.14 15.49 25.00
CA ILE C 12 6.23 14.56 24.73
C ILE C 12 6.99 14.41 26.04
N GLY C 13 6.76 13.30 26.72
CA GLY C 13 7.28 13.16 28.07
C GLY C 13 6.44 13.97 29.02
N ILE C 14 7.10 14.78 29.86
CA ILE C 14 6.41 15.58 30.85
C ILE C 14 6.12 17.00 30.36
N VAL C 15 6.86 17.48 29.35
CA VAL C 15 6.72 18.84 28.86
C VAL C 15 5.72 18.84 27.69
N ALA C 16 4.78 19.78 27.73
CA ALA C 16 3.79 19.93 26.66
C ALA C 16 4.33 20.95 25.66
N GLN C 17 4.95 20.46 24.60
CA GLN C 17 5.54 21.34 23.60
C GLN C 17 4.44 22.02 22.79
N PRO C 18 4.52 23.33 22.57
CA PRO C 18 3.47 24.00 21.78
C PRO C 18 3.41 23.47 20.37
N VAL C 19 2.19 23.43 19.83
CA VAL C 19 1.95 23.02 18.45
C VAL C 19 1.07 24.07 17.80
N SER C 20 1.30 24.32 16.51
CA SER C 20 0.63 25.37 15.77
C SER C 20 -0.12 24.77 14.59
N VAL C 21 -1.38 24.37 14.81
CA VAL C 21 -2.22 23.93 13.71
C VAL C 21 -2.39 25.10 12.74
N GLU C 22 -2.26 24.81 11.44
CA GLU C 22 -2.29 25.84 10.41
C GLU C 22 -3.13 25.31 9.25
N VAL C 23 -4.40 25.68 9.23
CA VAL C 23 -5.29 25.30 8.13
C VAL C 23 -5.09 26.27 6.97
N HIS C 24 -5.32 25.78 5.75
CA HIS C 24 -5.23 26.61 4.55
C HIS C 24 -6.11 26.01 3.48
N LEU C 25 -7.09 26.77 3.02
CA LEU C 25 -8.04 26.32 2.01
C LEU C 25 -7.62 26.80 0.63
N SER C 26 -7.61 25.89 -0.33
CA SER C 26 -7.33 26.21 -1.73
C SER C 26 -8.58 25.96 -2.57
N ASN C 27 -8.50 26.34 -3.84
CA ASN C 27 -9.65 26.29 -4.73
C ASN C 27 -9.75 25.01 -5.54
N GLY C 28 -8.80 24.08 -5.35
CA GLY C 28 -8.81 22.84 -6.11
C GLY C 28 -9.97 21.94 -5.78
N LEU C 29 -9.88 20.67 -6.15
CA LEU C 29 -10.92 19.72 -5.86
C LEU C 29 -10.97 19.42 -4.35
N PRO C 30 -12.12 19.01 -3.83
CA PRO C 30 -12.28 18.90 -2.38
C PRO C 30 -11.53 17.72 -1.77
N SER C 31 -10.23 17.88 -1.57
CA SER C 31 -9.40 16.89 -0.89
C SER C 31 -9.23 17.29 0.57
N PHE C 32 -8.37 16.57 1.28
CA PHE C 32 -8.06 16.90 2.67
C PHE C 32 -6.70 16.31 2.98
N THR C 33 -5.74 17.17 3.33
CA THR C 33 -4.35 16.78 3.52
C THR C 33 -3.87 17.17 4.91
N MET C 34 -3.14 16.27 5.55
CA MET C 34 -2.55 16.50 6.85
C MET C 34 -1.06 16.21 6.77
N VAL C 35 -0.24 17.13 7.27
CA VAL C 35 1.21 16.99 7.28
C VAL C 35 1.70 17.25 8.69
N GLY C 36 3.02 17.24 8.85
CA GLY C 36 3.62 17.45 10.14
C GLY C 36 3.75 16.21 10.99
N LEU C 37 3.95 15.04 10.37
CA LEU C 37 4.14 13.79 11.09
C LEU C 37 2.94 13.50 11.99
N ALA C 38 1.79 13.32 11.37
CA ALA C 38 0.54 13.03 12.07
C ALA C 38 0.41 11.53 12.24
N GLU C 39 0.32 11.08 13.48
CA GLU C 39 0.12 9.66 13.75
C GLU C 39 -1.29 9.24 13.34
N THR C 40 -1.45 7.93 13.14
CA THR C 40 -2.75 7.42 12.69
C THR C 40 -3.88 7.90 13.58
N ALA C 41 -3.67 7.91 14.91
CA ALA C 41 -4.72 8.34 15.81
C ALA C 41 -5.16 9.77 15.53
N VAL C 42 -4.24 10.60 15.02
CA VAL C 42 -4.53 11.98 14.69
C VAL C 42 -4.64 12.22 13.19
N LYS C 43 -4.25 11.25 12.36
CA LYS C 43 -4.40 11.38 10.92
C LYS C 43 -5.81 11.04 10.44
N GLU C 44 -6.62 10.42 11.29
CA GLU C 44 -7.99 10.07 10.93
C GLU C 44 -9.00 11.08 11.48
N SER C 45 -8.52 12.19 12.04
CA SER C 45 -9.42 13.24 12.50
C SER C 45 -10.11 13.97 11.37
N LYS C 46 -9.79 13.62 10.12
CA LYS C 46 -10.39 14.31 8.97
C LYS C 46 -11.90 14.15 8.98
N ASP C 47 -12.39 12.92 8.85
CA ASP C 47 -13.83 12.71 8.79
C ASP C 47 -14.50 13.04 10.11
N ARG C 48 -13.82 12.80 11.24
CA ARG C 48 -14.40 13.14 12.53
C ARG C 48 -14.65 14.64 12.64
N VAL C 49 -13.68 15.46 12.24
CA VAL C 49 -13.85 16.90 12.26
C VAL C 49 -14.91 17.33 11.25
N ARG C 50 -14.92 16.68 10.07
CA ARG C 50 -15.94 17.00 9.07
C ARG C 50 -17.34 16.81 9.65
N SER C 51 -17.58 15.67 10.29
CA SER C 51 -18.89 15.41 10.86
C SER C 51 -19.19 16.36 12.01
N ALA C 52 -18.21 16.62 12.88
CA ALA C 52 -18.44 17.51 14.00
C ALA C 52 -18.72 18.93 13.54
N ILE C 53 -18.24 19.32 12.37
CA ILE C 53 -18.51 20.65 11.85
C ILE C 53 -19.87 20.69 11.18
N ILE C 54 -20.19 19.68 10.36
CA ILE C 54 -21.48 19.66 9.68
C ILE C 54 -22.61 19.59 10.69
N ASN C 55 -22.47 18.75 11.71
CA ASN C 55 -23.57 18.54 12.64
C ASN C 55 -23.83 19.75 13.53
N SER C 56 -22.85 20.64 13.67
CA SER C 56 -23.01 21.84 14.48
C SER C 56 -23.62 23.00 13.70
N GLN C 57 -24.29 22.72 12.58
CA GLN C 57 -24.94 23.73 11.77
C GLN C 57 -23.94 24.76 11.27
N PHE C 58 -22.86 24.26 10.67
CA PHE C 58 -21.83 25.07 10.04
C PHE C 58 -21.74 24.71 8.56
N GLU C 59 -20.89 25.43 7.85
CA GLU C 59 -20.63 25.16 6.44
C GLU C 59 -19.23 24.57 6.33
N PHE C 60 -19.15 23.28 6.07
CA PHE C 60 -17.86 22.63 5.88
C PHE C 60 -17.32 22.97 4.50
N PRO C 61 -16.13 23.55 4.38
CA PRO C 61 -15.66 24.00 3.07
C PRO C 61 -15.65 22.87 2.05
N CYS C 62 -16.15 23.16 0.86
CA CYS C 62 -16.03 22.26 -0.30
C CYS C 62 -14.78 22.61 -1.10
N ARG C 63 -13.65 22.66 -0.41
CA ARG C 63 -12.41 23.19 -0.97
C ARG C 63 -11.25 22.32 -0.51
N LYS C 64 -10.12 22.49 -1.19
CA LYS C 64 -8.92 21.70 -0.89
C LYS C 64 -8.34 22.16 0.44
N ILE C 65 -8.56 21.38 1.49
CA ILE C 65 -8.10 21.71 2.83
C ILE C 65 -6.71 21.13 3.04
N THR C 66 -5.89 21.83 3.82
CA THR C 66 -4.51 21.42 4.05
C THR C 66 -4.10 21.83 5.46
N VAL C 67 -4.16 20.88 6.39
CA VAL C 67 -3.73 21.13 7.76
C VAL C 67 -2.23 20.86 7.88
N ASN C 68 -1.58 21.55 8.80
CA ASN C 68 -0.12 21.55 8.91
C ASN C 68 0.30 21.41 10.38
N LEU C 69 -0.19 20.37 11.06
CA LEU C 69 0.03 20.21 12.49
C LEU C 69 1.52 19.95 12.70
N GLY C 70 2.32 21.00 12.60
CA GLY C 70 3.74 20.77 12.68
C GLY C 70 4.67 21.93 12.93
N PRO C 71 5.52 21.76 13.95
CA PRO C 71 6.96 21.87 13.72
C PRO C 71 7.39 20.52 13.16
N ALA C 72 7.92 20.52 11.94
CA ALA C 72 7.87 19.31 11.13
C ALA C 72 8.62 18.15 11.75
N ASN C 73 9.47 18.39 12.75
CA ASN C 73 10.19 17.30 13.39
C ASN C 73 9.31 16.52 14.36
N LEU C 74 8.42 17.19 15.08
CA LEU C 74 7.69 16.56 16.18
C LEU C 74 6.54 15.70 15.65
N PRO C 75 6.50 14.40 15.96
CA PRO C 75 5.29 13.61 15.65
C PRO C 75 4.17 13.92 16.63
N LYS C 76 2.96 13.95 16.10
CA LYS C 76 1.76 14.23 16.89
C LYS C 76 1.08 12.92 17.25
N THR C 77 0.79 12.74 18.54
CA THR C 77 0.29 11.48 19.07
C THR C 77 -1.12 11.58 19.61
N GLY C 78 -1.38 12.56 20.49
CA GLY C 78 -2.67 12.63 21.16
C GLY C 78 -3.82 12.76 20.19
N SER C 79 -5.02 12.61 20.75
CA SER C 79 -6.27 12.74 19.99
C SER C 79 -6.94 14.08 20.23
N GLY C 80 -6.26 15.03 20.84
CA GLY C 80 -6.87 16.31 21.18
C GLY C 80 -6.68 17.35 20.10
N PHE C 81 -6.37 16.92 18.89
CA PHE C 81 -6.12 17.82 17.78
C PHE C 81 -7.36 18.08 16.94
N ASP C 82 -8.54 17.67 17.41
CA ASP C 82 -9.77 17.88 16.64
C ASP C 82 -10.35 19.27 16.84
N LEU C 83 -10.32 19.80 18.05
CA LEU C 83 -10.87 21.13 18.30
C LEU C 83 -10.03 22.20 17.63
N PRO C 84 -8.70 22.16 17.76
CA PRO C 84 -7.88 23.15 17.03
C PRO C 84 -8.11 23.09 15.54
N ILE C 85 -8.23 21.90 14.97
CA ILE C 85 -8.43 21.78 13.53
C ILE C 85 -9.80 22.33 13.13
N ALA C 86 -10.83 22.01 13.90
CA ALA C 86 -12.17 22.49 13.58
C ALA C 86 -12.22 24.01 13.64
N LEU C 87 -11.65 24.59 14.70
CA LEU C 87 -11.65 26.04 14.82
C LEU C 87 -10.80 26.69 13.74
N GLY C 88 -9.69 26.07 13.36
CA GLY C 88 -8.91 26.60 12.25
C GLY C 88 -9.68 26.59 10.95
N ILE C 89 -10.41 25.50 10.68
CA ILE C 89 -11.22 25.42 9.46
C ILE C 89 -12.27 26.51 9.46
N LEU C 90 -12.98 26.66 10.58
CA LEU C 90 -14.02 27.69 10.65
C LEU C 90 -13.44 29.08 10.48
N ALA C 91 -12.29 29.35 11.12
CA ALA C 91 -11.68 30.68 11.01
C ALA C 91 -11.16 30.94 9.60
N ALA C 92 -10.63 29.92 8.93
CA ALA C 92 -10.15 30.08 7.56
C ALA C 92 -11.27 30.04 6.53
N SER C 93 -12.49 29.70 6.94
CA SER C 93 -13.66 29.80 6.09
C SER C 93 -14.50 31.04 6.41
N GLU C 94 -13.95 31.97 7.19
CA GLU C 94 -14.59 33.23 7.55
C GLU C 94 -15.88 33.04 8.34
N GLN C 95 -16.15 31.83 8.84
CA GLN C 95 -17.29 31.65 9.73
C GLN C 95 -16.99 32.04 11.17
N ILE C 96 -15.73 32.29 11.51
CA ILE C 96 -15.34 32.78 12.82
C ILE C 96 -14.36 33.94 12.62
N PRO C 97 -14.56 35.09 13.26
CA PRO C 97 -13.57 36.17 13.14
C PRO C 97 -12.21 35.70 13.65
N LEU C 98 -11.20 35.81 12.79
CA LEU C 98 -9.88 35.25 13.09
C LEU C 98 -9.18 35.99 14.23
N THR C 99 -9.67 37.18 14.61
CA THR C 99 -9.06 37.91 15.71
C THR C 99 -9.46 37.37 17.08
N ASN C 100 -10.45 36.47 17.14
CA ASN C 100 -10.82 35.88 18.42
C ASN C 100 -9.78 34.86 18.88
N LEU C 101 -9.05 34.26 17.94
CA LEU C 101 -8.05 33.25 18.24
C LEU C 101 -6.69 33.86 18.60
N ALA C 102 -6.67 35.11 19.05
CA ALA C 102 -5.41 35.82 19.20
C ALA C 102 -4.49 35.12 20.19
N ASN C 103 -5.01 34.72 21.35
CA ASN C 103 -4.16 34.19 22.42
C ASN C 103 -4.81 33.01 23.13
N HIS C 104 -5.59 32.20 22.41
CA HIS C 104 -6.26 31.05 22.98
C HIS C 104 -5.55 29.76 22.58
N GLU C 105 -5.53 28.82 23.52
CA GLU C 105 -5.05 27.46 23.27
C GLU C 105 -6.23 26.51 23.43
N PHE C 106 -6.49 25.70 22.41
CA PHE C 106 -7.62 24.79 22.40
C PHE C 106 -7.12 23.35 22.46
N ILE C 107 -7.71 22.57 23.36
CA ILE C 107 -7.45 21.14 23.46
C ILE C 107 -8.80 20.44 23.61
N GLY C 108 -9.09 19.51 22.73
CA GLY C 108 -10.35 18.79 22.82
C GLY C 108 -10.45 17.72 21.75
N GLU C 109 -11.42 16.84 21.94
CA GLU C 109 -11.75 15.79 20.99
C GLU C 109 -13.23 15.89 20.68
N LEU C 110 -13.57 15.78 19.39
CA LEU C 110 -14.91 15.99 18.91
C LEU C 110 -15.57 14.66 18.56
N ALA C 111 -16.79 14.45 19.03
CA ALA C 111 -17.59 13.31 18.62
C ALA C 111 -18.19 13.62 17.26
N LEU C 112 -19.11 12.78 16.80
CA LEU C 112 -19.77 12.98 15.52
C LEU C 112 -20.98 13.91 15.63
N SER C 113 -21.31 14.36 16.84
CA SER C 113 -22.41 15.30 17.06
C SER C 113 -21.93 16.70 17.39
N GLY C 114 -20.62 16.93 17.42
CA GLY C 114 -20.06 18.16 17.90
C GLY C 114 -19.75 18.16 19.38
N GLU C 115 -20.26 17.20 20.13
CA GLU C 115 -19.97 17.12 21.55
C GLU C 115 -18.49 16.87 21.78
N LEU C 116 -17.93 17.58 22.75
CA LEU C 116 -16.52 17.46 23.07
C LEU C 116 -16.29 16.32 24.05
N ARG C 117 -15.17 15.63 23.88
CA ARG C 117 -14.79 14.51 24.72
C ARG C 117 -13.51 14.84 25.48
N GLY C 118 -13.23 14.04 26.51
CA GLY C 118 -12.08 14.31 27.36
C GLY C 118 -10.83 13.59 26.92
N VAL C 119 -9.77 14.36 26.66
CA VAL C 119 -8.47 13.78 26.34
C VAL C 119 -7.77 13.41 27.64
N SER C 120 -6.70 12.62 27.53
CA SER C 120 -5.93 12.18 28.68
C SER C 120 -4.64 12.98 28.80
N ALA C 121 -4.10 13.03 30.01
CA ALA C 121 -2.87 13.76 30.30
C ALA C 121 -3.02 15.24 29.97
N ILE C 122 -3.97 15.88 30.66
CA ILE C 122 -4.27 17.28 30.41
C ILE C 122 -3.44 18.21 31.27
N ILE C 123 -3.01 17.76 32.45
CA ILE C 123 -2.36 18.66 33.41
C ILE C 123 -1.13 19.35 32.81
N PRO C 124 -0.22 18.65 32.13
CA PRO C 124 0.94 19.36 31.55
C PRO C 124 0.54 20.48 30.62
N ALA C 125 -0.50 20.26 29.81
CA ALA C 125 -0.95 21.32 28.91
C ALA C 125 -1.48 22.51 29.67
N VAL C 126 -2.24 22.27 30.73
CA VAL C 126 -2.76 23.38 31.53
C VAL C 126 -1.61 24.17 32.16
N LEU C 127 -0.61 23.46 32.69
CA LEU C 127 0.52 24.14 33.30
C LEU C 127 1.28 24.97 32.27
N ALA C 128 1.52 24.41 31.08
CA ALA C 128 2.21 25.16 30.04
C ALA C 128 1.42 26.39 29.62
N ALA C 129 0.10 26.24 29.45
CA ALA C 129 -0.73 27.37 29.06
C ALA C 129 -0.70 28.46 30.11
N HIS C 130 -0.76 28.07 31.39
CA HIS C 130 -0.66 29.06 32.46
C HIS C 130 0.67 29.77 32.42
N LYS C 131 1.76 29.03 32.21
CA LYS C 131 3.08 29.64 32.15
C LYS C 131 3.23 30.54 30.94
N ASP C 132 2.44 30.32 29.88
CA ASP C 132 2.51 31.14 28.68
C ASP C 132 1.46 32.24 28.66
N ASN C 133 0.65 32.37 29.71
CA ASN C 133 -0.36 33.42 29.85
C ASN C 133 -1.51 33.26 28.85
N GLN C 134 -1.58 32.14 28.15
CA GLN C 134 -2.63 31.92 27.16
C GLN C 134 -3.91 31.44 27.83
N HIS C 135 -5.04 31.78 27.23
CA HIS C 135 -6.30 31.17 27.62
C HIS C 135 -6.37 29.73 27.12
N LEU C 136 -6.92 28.86 27.94
CA LEU C 136 -7.08 27.45 27.59
C LEU C 136 -8.55 27.09 27.60
N ILE C 137 -8.97 26.32 26.60
CA ILE C 137 -10.35 25.87 26.46
C ILE C 137 -10.32 24.35 26.27
N ILE C 138 -11.00 23.62 27.15
CA ILE C 138 -10.93 22.18 27.19
C ILE C 138 -12.35 21.62 27.28
N ALA C 139 -12.46 20.31 27.03
CA ALA C 139 -13.74 19.64 27.13
C ALA C 139 -14.18 19.53 28.59
N ASN C 140 -15.50 19.43 28.78
CA ASN C 140 -16.04 19.36 30.14
C ASN C 140 -15.47 18.18 30.90
N ALA C 141 -15.23 17.07 30.21
CA ALA C 141 -14.77 15.86 30.89
C ALA C 141 -13.46 16.06 31.62
N ASN C 142 -12.65 17.02 31.20
CA ASN C 142 -11.37 17.31 31.84
C ASN C 142 -11.48 18.40 32.89
N ALA C 143 -12.68 18.92 33.14
CA ALA C 143 -12.84 19.97 34.15
C ALA C 143 -12.45 19.47 35.53
N ALA C 144 -12.85 18.24 35.87
CA ALA C 144 -12.49 17.68 37.17
C ALA C 144 -10.99 17.53 37.31
N GLU C 145 -10.32 17.09 36.24
CA GLU C 145 -8.87 16.88 36.30
C GLU C 145 -8.12 18.20 36.40
N ALA C 146 -8.56 19.21 35.65
CA ALA C 146 -7.88 20.49 35.63
C ALA C 146 -8.32 21.42 36.76
N SER C 147 -9.26 20.98 37.61
CA SER C 147 -9.68 21.80 38.73
C SER C 147 -8.56 21.98 39.75
N LEU C 148 -7.65 21.01 39.84
CA LEU C 148 -6.58 21.09 40.82
C LEU C 148 -5.72 22.33 40.58
N THR C 149 -5.40 22.62 39.32
CA THR C 149 -4.54 23.75 39.01
C THR C 149 -5.10 25.06 39.59
N GLY C 150 -6.41 25.19 39.63
CA GLY C 150 -7.02 26.39 40.18
C GLY C 150 -6.70 27.64 39.38
N HIS C 151 -6.21 27.47 38.16
CA HIS C 151 -5.92 28.62 37.30
C HIS C 151 -7.22 29.24 36.83
N GLN C 152 -7.29 30.56 36.88
CA GLN C 152 -8.53 31.29 36.60
C GLN C 152 -8.76 31.54 35.12
N LYS C 153 -7.81 31.18 34.25
CA LYS C 153 -7.90 31.47 32.83
C LYS C 153 -8.25 30.24 32.00
N VAL C 154 -8.82 29.22 32.63
CA VAL C 154 -9.23 28.00 31.94
C VAL C 154 -10.74 27.98 31.84
N PHE C 155 -11.25 27.57 30.68
CA PHE C 155 -12.68 27.45 30.44
C PHE C 155 -12.97 26.08 29.85
N THR C 156 -14.16 25.55 30.17
CA THR C 156 -14.60 24.26 29.67
C THR C 156 -15.92 24.43 28.92
N ALA C 157 -16.09 23.64 27.86
CA ALA C 157 -17.26 23.72 27.01
C ALA C 157 -17.84 22.34 26.81
N ASN C 158 -19.11 22.30 26.39
CA ASN C 158 -19.82 21.04 26.17
C ASN C 158 -19.72 20.55 24.73
N ASN C 159 -19.80 21.47 23.76
CA ASN C 159 -19.76 21.09 22.36
C ASN C 159 -19.18 22.24 21.55
N LEU C 160 -18.97 21.99 20.26
CA LEU C 160 -18.33 22.99 19.40
C LEU C 160 -19.16 24.26 19.29
N ARG C 161 -20.49 24.14 19.39
CA ARG C 161 -21.33 25.33 19.34
C ARG C 161 -21.02 26.27 20.50
N GLU C 162 -20.78 25.71 21.69
CA GLU C 162 -20.45 26.54 22.84
C GLU C 162 -19.18 27.34 22.60
N VAL C 163 -18.14 26.68 22.10
CA VAL C 163 -16.87 27.37 21.88
C VAL C 163 -17.01 28.40 20.77
N CYS C 164 -17.74 28.06 19.71
CA CYS C 164 -17.94 29.02 18.62
C CYS C 164 -18.68 30.24 19.11
N ASP C 165 -19.74 30.05 19.90
CA ASP C 165 -20.47 31.18 20.45
C ASP C 165 -19.59 32.02 21.37
N TYR C 166 -18.76 31.36 22.17
CA TYR C 166 -17.87 32.10 23.06
C TYR C 166 -16.90 32.95 22.26
N LEU C 167 -16.26 32.36 21.24
CA LEU C 167 -15.29 33.11 20.46
C LEU C 167 -15.95 34.25 19.70
N CYS C 168 -17.12 34.00 19.10
CA CYS C 168 -17.73 35.02 18.25
C CYS C 168 -18.39 36.13 19.07
N GLN C 169 -18.97 35.78 20.23
CA GLN C 169 -19.74 36.72 21.03
C GLN C 169 -19.38 36.71 22.51
N GLY C 170 -18.67 35.69 22.99
CA GLY C 170 -18.26 35.65 24.39
C GLY C 170 -19.39 35.37 25.35
N THR C 171 -20.03 34.22 25.23
CA THR C 171 -21.08 33.83 26.16
C THR C 171 -20.53 33.09 27.38
N SER C 172 -19.45 33.61 27.96
CA SER C 172 -19.02 33.28 29.32
C SER C 172 -18.52 31.85 29.50
N LEU C 173 -18.70 30.99 28.50
CA LEU C 173 -18.39 29.56 28.63
C LEU C 173 -18.74 29.03 30.03
N GLN C 174 -18.27 27.84 30.35
CA GLN C 174 -18.29 27.34 31.72
C GLN C 174 -16.89 27.43 32.30
N SER C 175 -16.80 27.94 33.53
CA SER C 175 -15.51 28.03 34.21
C SER C 175 -15.17 26.66 34.79
N LEU C 176 -14.06 26.58 35.51
CA LEU C 176 -13.65 25.30 36.06
C LEU C 176 -14.13 25.16 37.50
N PRO C 177 -14.43 23.95 37.95
CA PRO C 177 -15.02 23.76 39.28
C PRO C 177 -14.03 24.11 40.38
N PRO C 178 -14.52 24.40 41.58
CA PRO C 178 -13.62 24.86 42.65
C PRO C 178 -12.62 23.78 43.05
N LYS C 179 -11.46 24.24 43.53
CA LYS C 179 -10.40 23.33 43.92
C LYS C 179 -10.89 22.40 45.03
N PRO C 180 -10.45 21.13 45.02
CA PRO C 180 -10.95 20.16 46.03
C PRO C 180 -10.26 20.27 47.38
N MET D 1 -32.99 14.04 11.37
CA MET D 1 -31.52 14.11 11.14
C MET D 1 -30.98 12.75 10.73
N SER D 2 -29.70 12.71 10.36
CA SER D 2 -29.02 11.49 9.94
C SER D 2 -27.83 11.19 10.85
N LEU D 3 -28.03 11.37 12.15
CA LEU D 3 -27.00 11.13 13.15
C LEU D 3 -27.56 10.22 14.23
N ALA D 4 -26.87 9.12 14.51
CA ALA D 4 -27.33 8.13 15.47
C ALA D 4 -26.20 7.75 16.41
N PHE D 5 -26.56 7.42 17.64
CA PHE D 5 -25.61 6.98 18.66
C PHE D 5 -26.03 5.62 19.18
N THR D 6 -25.04 4.74 19.39
CA THR D 6 -25.27 3.42 19.95
C THR D 6 -24.20 3.15 20.99
N LYS D 7 -24.42 2.11 21.79
CA LYS D 7 -23.48 1.74 22.85
C LYS D 7 -23.12 0.27 22.73
N THR D 8 -21.89 -0.04 23.10
CA THR D 8 -21.38 -1.41 23.17
C THR D 8 -20.22 -1.42 24.15
N ARG D 9 -19.47 -2.51 24.17
CA ARG D 9 -18.34 -2.63 25.08
C ARG D 9 -17.23 -3.44 24.43
N SER D 10 -16.00 -2.96 24.58
CA SER D 10 -14.81 -3.64 24.09
C SER D 10 -14.03 -4.19 25.27
N THR D 11 -13.64 -5.45 25.19
CA THR D 11 -12.99 -6.15 26.29
C THR D 11 -11.49 -6.15 26.04
N ILE D 12 -10.76 -5.42 26.88
CA ILE D 12 -9.30 -5.45 26.90
C ILE D 12 -8.88 -6.00 28.26
N GLY D 13 -8.19 -7.13 28.26
CA GLY D 13 -7.82 -7.80 29.49
C GLY D 13 -9.03 -8.36 30.20
N ILE D 14 -9.38 -7.80 31.35
CA ILE D 14 -10.53 -8.23 32.12
C ILE D 14 -11.64 -7.19 32.17
N VAL D 15 -11.37 -5.97 31.73
CA VAL D 15 -12.33 -4.88 31.81
C VAL D 15 -13.00 -4.70 30.46
N ALA D 16 -14.26 -4.30 30.48
CA ALA D 16 -15.05 -4.02 29.28
C ALA D 16 -15.23 -2.52 29.18
N GLN D 17 -14.30 -1.86 28.52
CA GLN D 17 -14.35 -0.41 28.40
C GLN D 17 -15.55 0.01 27.56
N PRO D 18 -16.42 0.89 28.06
CA PRO D 18 -17.57 1.31 27.26
C PRO D 18 -17.14 1.94 25.95
N VAL D 19 -17.90 1.69 24.90
CA VAL D 19 -17.64 2.23 23.57
C VAL D 19 -18.91 2.94 23.10
N SER D 20 -18.71 3.98 22.30
CA SER D 20 -19.80 4.83 21.79
C SER D 20 -19.74 4.80 20.28
N VAL D 21 -20.50 3.90 19.66
CA VAL D 21 -20.56 3.81 18.21
C VAL D 21 -21.38 4.97 17.69
N GLU D 22 -20.79 5.79 16.83
CA GLU D 22 -21.44 6.97 16.29
C GLU D 22 -21.47 6.87 14.77
N VAL D 23 -22.67 6.92 14.19
CA VAL D 23 -22.86 6.80 12.76
C VAL D 23 -23.45 8.11 12.25
N HIS D 24 -22.89 8.61 11.14
CA HIS D 24 -23.34 9.87 10.54
C HIS D 24 -23.41 9.67 9.03
N LEU D 25 -24.62 9.66 8.49
CA LEU D 25 -24.84 9.48 7.06
C LEU D 25 -24.83 10.84 6.38
N SER D 26 -23.75 11.14 5.66
CA SER D 26 -23.63 12.40 4.95
C SER D 26 -24.39 12.33 3.63
N ASN D 27 -24.18 13.32 2.75
CA ASN D 27 -24.93 13.43 1.51
C ASN D 27 -24.11 13.08 0.27
N GLY D 28 -22.87 12.64 0.43
CA GLY D 28 -22.01 12.43 -0.72
C GLY D 28 -22.26 11.11 -1.45
N LEU D 29 -21.19 10.45 -1.85
CA LEU D 29 -21.24 9.19 -2.56
C LEU D 29 -21.04 8.03 -1.61
N PRO D 30 -21.32 6.79 -2.05
CA PRO D 30 -21.15 5.63 -1.17
C PRO D 30 -19.78 5.54 -0.53
N SER D 31 -19.73 5.63 0.79
CA SER D 31 -18.49 5.42 1.53
C SER D 31 -18.85 4.88 2.91
N PHE D 32 -17.89 4.21 3.52
CA PHE D 32 -18.12 3.56 4.81
C PHE D 32 -16.92 3.77 5.73
N THR D 33 -16.43 5.01 5.82
CA THR D 33 -15.29 5.28 6.70
C THR D 33 -15.60 4.80 8.12
N MET D 34 -14.58 4.27 8.78
CA MET D 34 -14.72 3.61 10.08
C MET D 34 -13.65 4.12 11.05
N VAL D 35 -13.58 5.43 11.22
CA VAL D 35 -12.54 6.03 12.05
C VAL D 35 -12.66 5.47 13.46
N GLY D 36 -11.62 5.64 14.27
CA GLY D 36 -11.47 4.88 15.49
C GLY D 36 -10.60 3.68 15.25
N LEU D 37 -9.69 3.39 16.19
CA LEU D 37 -8.59 2.45 15.93
C LEU D 37 -9.12 1.01 15.98
N ALA D 38 -9.90 0.66 14.96
CA ALA D 38 -10.30 -0.72 14.75
C ALA D 38 -9.20 -1.45 13.98
N GLU D 39 -8.99 -2.72 14.30
CA GLU D 39 -7.96 -3.52 13.65
C GLU D 39 -8.55 -4.48 12.62
N THR D 40 -9.47 -5.35 13.02
CA THR D 40 -10.07 -6.33 12.13
C THR D 40 -11.53 -6.04 11.82
N ALA D 41 -12.17 -5.12 12.54
CA ALA D 41 -13.51 -4.68 12.21
C ALA D 41 -13.51 -3.61 11.13
N VAL D 42 -12.35 -3.12 10.72
CA VAL D 42 -12.27 -1.98 9.81
C VAL D 42 -12.97 -2.32 8.50
N LYS D 43 -12.41 -3.28 7.77
CA LYS D 43 -12.87 -3.59 6.42
C LYS D 43 -13.71 -4.86 6.36
N GLU D 44 -13.86 -5.55 7.49
CA GLU D 44 -14.66 -6.77 7.56
C GLU D 44 -16.08 -6.49 8.05
N SER D 45 -16.22 -5.69 9.11
CA SER D 45 -17.55 -5.36 9.60
C SER D 45 -18.37 -4.63 8.56
N LYS D 46 -17.72 -3.91 7.64
CA LYS D 46 -18.46 -3.16 6.63
C LYS D 46 -19.36 -4.09 5.82
N ASP D 47 -18.77 -5.13 5.22
CA ASP D 47 -19.52 -5.99 4.31
C ASP D 47 -20.52 -6.85 5.07
N ARG D 48 -20.14 -7.36 6.25
CA ARG D 48 -21.07 -8.15 7.03
C ARG D 48 -22.29 -7.32 7.42
N VAL D 49 -22.07 -6.09 7.88
CA VAL D 49 -23.19 -5.23 8.25
C VAL D 49 -24.04 -4.93 7.03
N ARG D 50 -23.41 -4.61 5.90
CA ARG D 50 -24.18 -4.30 4.69
C ARG D 50 -25.07 -5.46 4.30
N SER D 51 -24.50 -6.66 4.21
CA SER D 51 -25.28 -7.82 3.79
C SER D 51 -26.36 -8.16 4.80
N ALA D 52 -26.05 -8.08 6.09
CA ALA D 52 -27.05 -8.39 7.11
C ALA D 52 -28.22 -7.43 7.05
N ILE D 53 -27.94 -6.14 6.84
CA ILE D 53 -29.02 -5.16 6.73
C ILE D 53 -29.85 -5.43 5.48
N ILE D 54 -29.18 -5.68 4.35
CA ILE D 54 -29.92 -5.87 3.10
C ILE D 54 -30.81 -7.10 3.19
N ASN D 55 -30.29 -8.19 3.73
CA ASN D 55 -31.03 -9.45 3.72
C ASN D 55 -32.17 -9.48 4.72
N SER D 56 -32.15 -8.60 5.73
CA SER D 56 -33.23 -8.53 6.71
C SER D 56 -34.37 -7.62 6.25
N GLN D 57 -34.48 -7.37 4.95
CA GLN D 57 -35.53 -6.50 4.41
C GLN D 57 -35.43 -5.10 5.00
N PHE D 58 -34.28 -4.47 4.78
CA PHE D 58 -34.01 -3.12 5.24
C PHE D 58 -33.36 -2.33 4.12
N GLU D 59 -33.49 -1.01 4.19
CA GLU D 59 -32.83 -0.13 3.24
C GLU D 59 -31.43 0.18 3.73
N PHE D 60 -30.44 -0.06 2.90
CA PHE D 60 -29.06 0.30 3.20
C PHE D 60 -28.78 1.67 2.61
N PRO D 61 -28.38 2.67 3.40
CA PRO D 61 -28.25 4.02 2.84
C PRO D 61 -27.29 4.05 1.65
N CYS D 62 -27.72 4.73 0.59
CA CYS D 62 -26.86 4.99 -0.56
C CYS D 62 -26.16 6.34 -0.40
N ARG D 63 -25.52 6.52 0.76
CA ARG D 63 -24.91 7.79 1.12
C ARG D 63 -23.46 7.57 1.55
N LYS D 64 -22.81 8.62 2.04
CA LYS D 64 -21.50 8.49 2.65
C LYS D 64 -21.69 8.16 4.13
N ILE D 65 -21.26 6.97 4.52
CA ILE D 65 -21.45 6.47 5.87
C ILE D 65 -20.14 6.65 6.63
N THR D 66 -20.19 7.38 7.74
CA THR D 66 -19.05 7.57 8.62
C THR D 66 -19.37 6.97 9.98
N VAL D 67 -18.54 6.02 10.41
CA VAL D 67 -18.71 5.34 11.69
C VAL D 67 -17.50 5.67 12.54
N ASN D 68 -17.75 6.22 13.73
CA ASN D 68 -16.70 6.57 14.68
C ASN D 68 -16.95 5.79 15.96
N LEU D 69 -15.97 4.97 16.35
CA LEU D 69 -16.12 4.05 17.48
C LEU D 69 -15.49 4.66 18.72
N GLY D 70 -16.32 5.04 19.69
CA GLY D 70 -15.88 5.33 21.03
C GLY D 70 -14.67 6.24 21.10
N PRO D 71 -13.90 6.13 22.18
CA PRO D 71 -12.70 6.96 22.31
C PRO D 71 -11.74 6.75 21.14
N ALA D 72 -11.20 7.84 20.64
CA ALA D 72 -10.29 7.76 19.49
C ALA D 72 -9.02 7.02 19.85
N ASN D 73 -8.44 7.30 21.01
CA ASN D 73 -7.15 6.72 21.41
C ASN D 73 -7.37 5.43 22.21
N LEU D 74 -8.08 4.49 21.59
CA LEU D 74 -8.39 3.22 22.22
C LEU D 74 -8.55 2.18 21.12
N PRO D 75 -7.56 1.32 20.90
CA PRO D 75 -7.73 0.26 19.90
C PRO D 75 -8.91 -0.63 20.27
N LYS D 76 -9.67 -1.03 19.25
CA LYS D 76 -10.89 -1.81 19.44
C LYS D 76 -10.74 -3.13 18.71
N THR D 77 -10.93 -4.23 19.45
CA THR D 77 -10.41 -5.54 19.06
C THR D 77 -11.51 -6.49 18.59
N GLY D 78 -12.52 -6.73 19.41
CA GLY D 78 -13.48 -7.77 19.13
C GLY D 78 -14.22 -7.58 17.82
N SER D 79 -14.95 -8.64 17.44
CA SER D 79 -15.79 -8.63 16.26
C SER D 79 -17.26 -8.45 16.57
N GLY D 80 -17.59 -8.01 17.79
CA GLY D 80 -18.97 -7.87 18.19
C GLY D 80 -19.55 -6.50 17.89
N PHE D 81 -18.89 -5.75 17.01
CA PHE D 81 -19.32 -4.41 16.66
C PHE D 81 -20.26 -4.37 15.46
N ASP D 82 -20.66 -5.53 14.94
CA ASP D 82 -21.56 -5.54 13.79
C ASP D 82 -22.99 -5.17 14.18
N LEU D 83 -23.46 -5.67 15.32
CA LEU D 83 -24.83 -5.34 15.73
C LEU D 83 -24.95 -3.87 16.11
N PRO D 84 -24.08 -3.30 16.95
CA PRO D 84 -24.18 -1.86 17.21
C PRO D 84 -24.10 -1.01 15.96
N ILE D 85 -23.24 -1.38 15.02
CA ILE D 85 -23.09 -0.58 13.80
C ILE D 85 -24.33 -0.69 12.93
N ALA D 86 -24.89 -1.91 12.80
CA ALA D 86 -26.10 -2.07 12.01
C ALA D 86 -27.25 -1.29 12.61
N LEU D 87 -27.42 -1.37 13.92
CA LEU D 87 -28.50 -0.61 14.55
C LEU D 87 -28.25 0.88 14.45
N GLY D 88 -26.99 1.33 14.51
CA GLY D 88 -26.71 2.73 14.31
C GLY D 88 -27.06 3.21 12.92
N ILE D 89 -26.75 2.39 11.90
CA ILE D 89 -27.10 2.75 10.54
C ILE D 89 -28.62 2.85 10.39
N LEU D 90 -29.34 1.86 10.92
CA LEU D 90 -30.79 1.88 10.81
C LEU D 90 -31.37 3.11 11.52
N ALA D 91 -30.87 3.42 12.71
CA ALA D 91 -31.35 4.59 13.44
C ALA D 91 -31.06 5.87 12.67
N ALA D 92 -29.84 6.01 12.14
CA ALA D 92 -29.48 7.20 11.40
C ALA D 92 -30.30 7.34 10.13
N SER D 93 -30.74 6.23 9.55
CA SER D 93 -31.58 6.25 8.36
C SER D 93 -33.07 6.35 8.69
N GLU D 94 -33.41 6.48 9.96
CA GLU D 94 -34.77 6.64 10.48
C GLU D 94 -35.59 5.36 10.37
N GLN D 95 -35.03 4.27 9.86
CA GLN D 95 -35.77 3.01 9.82
C GLN D 95 -36.04 2.47 11.21
N ILE D 96 -35.33 2.94 12.22
CA ILE D 96 -35.62 2.62 13.62
C ILE D 96 -35.89 3.92 14.34
N PRO D 97 -36.85 3.99 15.27
CA PRO D 97 -36.98 5.18 16.11
C PRO D 97 -35.84 5.22 17.12
N LEU D 98 -35.00 6.24 17.00
CA LEU D 98 -33.80 6.33 17.83
C LEU D 98 -34.08 6.81 19.24
N THR D 99 -35.32 7.19 19.55
CA THR D 99 -35.66 7.58 20.91
C THR D 99 -35.64 6.42 21.89
N ASN D 100 -35.58 5.18 21.40
CA ASN D 100 -35.59 3.99 22.25
C ASN D 100 -34.23 3.31 22.32
N LEU D 101 -33.18 3.95 21.81
CA LEU D 101 -31.84 3.37 21.82
C LEU D 101 -31.02 3.80 23.02
N ALA D 102 -31.58 4.61 23.93
CA ALA D 102 -30.78 5.22 24.98
C ALA D 102 -30.35 4.21 26.02
N ASN D 103 -31.27 3.35 26.47
CA ASN D 103 -31.02 2.52 27.64
C ASN D 103 -30.44 1.14 27.31
N HIS D 104 -30.29 0.80 26.04
CA HIS D 104 -29.89 -0.54 25.64
C HIS D 104 -28.48 -0.55 25.08
N GLU D 105 -27.71 -1.55 25.50
CA GLU D 105 -26.46 -1.91 24.84
C GLU D 105 -26.74 -2.96 23.77
N PHE D 106 -25.72 -3.24 22.96
CA PHE D 106 -25.84 -4.29 21.95
C PHE D 106 -24.47 -4.93 21.74
N ILE D 107 -24.46 -6.25 21.63
CA ILE D 107 -23.23 -7.01 21.36
C ILE D 107 -23.60 -8.20 20.48
N GLY D 108 -22.77 -8.47 19.50
CA GLY D 108 -22.98 -9.57 18.60
C GLY D 108 -22.34 -9.31 17.26
N GLU D 109 -22.13 -10.39 16.50
CA GLU D 109 -21.59 -10.32 15.15
C GLU D 109 -22.60 -10.93 14.19
N LEU D 110 -22.79 -10.27 13.05
CA LEU D 110 -23.82 -10.62 12.09
C LEU D 110 -23.24 -11.46 10.96
N ALA D 111 -23.93 -12.55 10.63
CA ALA D 111 -23.62 -13.29 9.43
C ALA D 111 -24.19 -12.56 8.22
N LEU D 112 -24.07 -13.17 7.04
CA LEU D 112 -24.60 -12.57 5.83
C LEU D 112 -26.11 -12.76 5.69
N SER D 113 -26.71 -13.62 6.50
CA SER D 113 -28.15 -13.84 6.46
C SER D 113 -28.92 -12.93 7.40
N GLY D 114 -28.23 -12.08 8.16
CA GLY D 114 -28.85 -11.34 9.24
C GLY D 114 -28.86 -12.07 10.55
N GLU D 115 -28.43 -13.33 10.58
CA GLU D 115 -28.38 -14.09 11.83
C GLU D 115 -27.28 -13.54 12.73
N LEU D 116 -27.42 -13.80 14.02
CA LEU D 116 -26.50 -13.31 15.04
C LEU D 116 -25.70 -14.48 15.58
N ARG D 117 -24.40 -14.49 15.30
CA ARG D 117 -23.50 -15.47 15.89
C ARG D 117 -23.10 -15.01 17.30
N GLY D 118 -22.29 -15.83 17.97
CA GLY D 118 -21.92 -15.59 19.36
C GLY D 118 -20.47 -15.12 19.46
N VAL D 119 -20.28 -13.97 20.10
CA VAL D 119 -18.96 -13.45 20.39
C VAL D 119 -18.44 -14.10 21.67
N SER D 120 -17.16 -13.93 21.95
CA SER D 120 -16.53 -14.52 23.13
C SER D 120 -16.38 -13.48 24.23
N ALA D 121 -16.22 -13.98 25.46
CA ALA D 121 -15.96 -13.15 26.63
C ALA D 121 -17.08 -12.12 26.82
N ILE D 122 -18.27 -12.65 27.10
CA ILE D 122 -19.48 -11.84 27.10
C ILE D 122 -19.91 -11.44 28.51
N ILE D 123 -19.62 -12.28 29.51
CA ILE D 123 -20.11 -12.04 30.86
C ILE D 123 -19.59 -10.71 31.40
N PRO D 124 -18.33 -10.34 31.14
CA PRO D 124 -17.90 -8.99 31.57
C PRO D 124 -18.81 -7.90 31.05
N ALA D 125 -19.26 -8.04 29.80
CA ALA D 125 -20.20 -7.06 29.25
C ALA D 125 -21.51 -7.06 30.01
N VAL D 126 -22.01 -8.24 30.39
CA VAL D 126 -23.25 -8.31 31.16
C VAL D 126 -23.08 -7.62 32.50
N LEU D 127 -21.96 -7.88 33.18
CA LEU D 127 -21.69 -7.23 34.45
C LEU D 127 -21.70 -5.71 34.27
N ALA D 128 -20.95 -5.21 33.30
CA ALA D 128 -20.88 -3.76 33.10
C ALA D 128 -22.25 -3.18 32.77
N ALA D 129 -23.01 -3.85 31.91
CA ALA D 129 -24.32 -3.34 31.51
C ALA D 129 -25.27 -3.27 32.69
N HIS D 130 -25.31 -4.32 33.52
CA HIS D 130 -26.18 -4.28 34.69
C HIS D 130 -25.74 -3.22 35.68
N LYS D 131 -24.42 -3.07 35.86
CA LYS D 131 -23.91 -2.04 36.75
C LYS D 131 -24.42 -0.66 36.35
N ASP D 132 -24.53 -0.41 35.04
CA ASP D 132 -24.97 0.88 34.52
C ASP D 132 -26.47 0.95 34.30
N ASN D 133 -27.22 -0.11 34.62
CA ASN D 133 -28.66 -0.13 34.45
C ASN D 133 -29.04 0.03 32.98
N GLN D 134 -28.42 -0.79 32.13
CA GLN D 134 -28.67 -0.80 30.70
C GLN D 134 -29.16 -2.17 30.27
N HIS D 135 -30.11 -2.20 29.35
CA HIS D 135 -30.49 -3.45 28.72
C HIS D 135 -29.37 -3.93 27.82
N LEU D 136 -29.03 -5.21 27.93
CA LEU D 136 -27.98 -5.81 27.12
C LEU D 136 -28.64 -6.86 26.22
N ILE D 137 -28.63 -6.61 24.91
CA ILE D 137 -29.24 -7.48 23.93
C ILE D 137 -28.12 -8.18 23.19
N ILE D 138 -28.00 -9.49 23.39
CA ILE D 138 -26.88 -10.26 22.85
C ILE D 138 -27.41 -11.29 21.86
N ALA D 139 -26.50 -12.02 21.23
CA ALA D 139 -26.88 -13.07 20.29
C ALA D 139 -27.37 -14.31 21.05
N ASN D 140 -28.23 -15.08 20.39
CA ASN D 140 -28.77 -16.28 21.02
C ASN D 140 -27.67 -17.27 21.39
N ALA D 141 -26.59 -17.33 20.61
CA ALA D 141 -25.54 -18.30 20.87
C ALA D 141 -24.86 -18.06 22.21
N ASN D 142 -24.99 -16.88 22.79
CA ASN D 142 -24.40 -16.57 24.08
C ASN D 142 -25.42 -16.63 25.21
N ALA D 143 -26.61 -17.18 24.94
CA ALA D 143 -27.64 -17.27 25.98
C ALA D 143 -27.17 -18.14 27.14
N ALA D 144 -26.45 -19.22 26.83
CA ALA D 144 -25.95 -20.09 27.90
C ALA D 144 -25.05 -19.31 28.85
N GLU D 145 -24.10 -18.55 28.29
CA GLU D 145 -23.18 -17.79 29.14
C GLU D 145 -23.91 -16.68 29.89
N ALA D 146 -24.87 -16.03 29.24
CA ALA D 146 -25.56 -14.92 29.90
C ALA D 146 -26.53 -15.40 30.97
N SER D 147 -27.01 -16.64 30.87
CA SER D 147 -28.03 -17.12 31.79
C SER D 147 -27.47 -17.35 33.19
N LEU D 148 -26.16 -17.56 33.31
CA LEU D 148 -25.57 -17.72 34.65
C LEU D 148 -25.95 -16.56 35.55
N THR D 149 -25.82 -15.34 35.05
CA THR D 149 -26.12 -14.16 35.86
C THR D 149 -27.60 -14.13 36.24
N GLY D 150 -28.48 -14.50 35.32
CA GLY D 150 -29.89 -14.36 35.56
C GLY D 150 -30.34 -12.93 35.72
N HIS D 151 -29.51 -11.98 35.31
CA HIS D 151 -29.85 -10.57 35.45
C HIS D 151 -31.11 -10.26 34.66
N GLN D 152 -32.03 -9.53 35.29
CA GLN D 152 -33.21 -9.06 34.58
C GLN D 152 -32.82 -7.96 33.61
N LYS D 153 -33.73 -7.66 32.68
CA LYS D 153 -33.58 -6.64 31.67
C LYS D 153 -32.51 -6.98 30.64
N VAL D 154 -31.97 -8.21 30.67
CA VAL D 154 -31.08 -8.72 29.64
C VAL D 154 -31.90 -9.58 28.69
N PHE D 155 -31.49 -9.59 27.42
CA PHE D 155 -32.22 -10.32 26.40
C PHE D 155 -31.21 -10.95 25.43
N THR D 156 -31.72 -11.85 24.59
CA THR D 156 -30.92 -12.47 23.54
C THR D 156 -31.77 -12.54 22.29
N ALA D 157 -31.10 -12.53 21.13
CA ALA D 157 -31.80 -12.44 19.86
C ALA D 157 -31.29 -13.50 18.90
N ASN D 158 -32.16 -13.90 17.96
CA ASN D 158 -31.78 -14.85 16.94
C ASN D 158 -31.11 -14.16 15.76
N ASN D 159 -31.77 -13.14 15.21
CA ASN D 159 -31.25 -12.40 14.08
C ASN D 159 -31.50 -10.91 14.30
N LEU D 160 -31.08 -10.10 13.34
CA LEU D 160 -31.23 -8.65 13.47
C LEU D 160 -32.70 -8.22 13.42
N ARG D 161 -33.53 -8.95 12.68
CA ARG D 161 -34.93 -8.58 12.58
C ARG D 161 -35.62 -8.68 13.93
N GLU D 162 -35.24 -9.66 14.74
CA GLU D 162 -35.82 -9.79 16.07
C GLU D 162 -35.56 -8.56 16.90
N VAL D 163 -34.32 -8.06 16.88
CA VAL D 163 -33.98 -6.88 17.67
C VAL D 163 -34.68 -5.65 17.09
N CYS D 164 -34.72 -5.53 15.77
CA CYS D 164 -35.38 -4.37 15.18
C CYS D 164 -36.86 -4.35 15.52
N ASP D 165 -37.50 -5.51 15.60
CA ASP D 165 -38.90 -5.55 16.01
C ASP D 165 -39.04 -5.27 17.50
N TYR D 166 -38.09 -5.77 18.31
CA TYR D 166 -38.13 -5.50 19.74
C TYR D 166 -37.99 -4.02 20.03
N LEU D 167 -37.33 -3.28 19.14
CA LEU D 167 -37.17 -1.84 19.32
C LEU D 167 -38.34 -1.07 18.70
N CYS D 168 -38.64 -1.30 17.42
CA CYS D 168 -39.78 -0.65 16.80
C CYS D 168 -41.07 -1.02 17.52
N GLN D 169 -41.31 -2.32 17.70
CA GLN D 169 -42.37 -2.80 18.56
C GLN D 169 -41.81 -3.04 19.96
N GLY D 170 -42.59 -3.68 20.82
CA GLY D 170 -42.13 -3.97 22.16
C GLY D 170 -42.23 -5.44 22.51
N THR D 171 -42.27 -6.30 21.49
CA THR D 171 -42.42 -7.73 21.72
C THR D 171 -41.28 -8.25 22.59
N SER D 172 -41.62 -9.07 23.57
CA SER D 172 -40.60 -9.72 24.38
C SER D 172 -39.66 -10.50 23.48
N LEU D 173 -38.35 -10.27 23.64
CA LEU D 173 -37.41 -10.68 22.60
C LEU D 173 -37.07 -12.16 22.73
N GLN D 174 -36.33 -12.55 23.78
CA GLN D 174 -36.17 -13.96 24.09
C GLN D 174 -36.10 -14.25 25.58
N SER D 175 -35.85 -13.23 26.40
CA SER D 175 -35.47 -13.46 27.79
C SER D 175 -34.28 -14.42 27.85
N LEU D 176 -34.02 -15.02 29.00
CA LEU D 176 -32.92 -15.93 29.20
C LEU D 176 -33.43 -17.23 29.81
N PRO D 177 -32.71 -18.34 29.63
CA PRO D 177 -33.07 -19.57 30.33
C PRO D 177 -33.07 -19.34 31.82
N PRO D 178 -33.99 -19.97 32.57
CA PRO D 178 -34.14 -19.59 33.98
C PRO D 178 -32.84 -19.74 34.75
N LYS D 179 -32.32 -20.96 34.85
CA LYS D 179 -30.95 -21.19 35.29
C LYS D 179 -30.60 -22.64 35.00
N PRO D 180 -30.26 -22.99 33.75
CA PRO D 180 -30.04 -24.40 33.37
C PRO D 180 -29.06 -25.14 34.28
N MET E 1 -33.34 -14.87 -0.93
CA MET E 1 -32.62 -14.02 -1.91
C MET E 1 -31.42 -14.79 -2.48
N SER E 2 -30.47 -14.06 -3.07
CA SER E 2 -29.24 -14.66 -3.56
C SER E 2 -28.26 -14.77 -2.40
N LEU E 3 -28.43 -15.83 -1.62
CA LEU E 3 -27.67 -16.03 -0.39
C LEU E 3 -27.61 -17.51 -0.09
N ALA E 4 -26.39 -18.05 -0.01
CA ALA E 4 -26.18 -19.48 0.21
C ALA E 4 -25.07 -19.67 1.22
N PHE E 5 -25.24 -20.68 2.08
CA PHE E 5 -24.26 -21.04 3.09
C PHE E 5 -23.68 -22.42 2.79
N THR E 6 -22.37 -22.55 2.94
CA THR E 6 -21.66 -23.82 2.81
C THR E 6 -20.82 -24.03 4.06
N LYS E 7 -20.36 -25.27 4.23
CA LYS E 7 -19.56 -25.65 5.40
C LYS E 7 -18.24 -26.25 4.95
N THR E 8 -17.20 -25.97 5.73
CA THR E 8 -15.88 -26.52 5.48
C THR E 8 -15.16 -26.66 6.82
N ARG E 9 -13.85 -26.86 6.77
CA ARG E 9 -13.05 -27.00 7.98
C ARG E 9 -11.75 -26.24 7.81
N SER E 10 -11.21 -25.76 8.92
CA SER E 10 -9.93 -25.05 8.96
C SER E 10 -9.03 -25.75 9.96
N THR E 11 -8.01 -26.43 9.47
CA THR E 11 -7.16 -27.26 10.31
C THR E 11 -6.00 -26.44 10.86
N ILE E 12 -5.96 -26.28 12.18
CA ILE E 12 -4.82 -25.71 12.88
C ILE E 12 -4.37 -26.74 13.91
N GLY E 13 -3.10 -27.12 13.84
CA GLY E 13 -2.61 -28.13 14.77
C GLY E 13 -3.36 -29.44 14.58
N ILE E 14 -3.98 -29.91 15.67
CA ILE E 14 -4.70 -31.19 15.65
C ILE E 14 -6.21 -31.01 15.55
N VAL E 15 -6.71 -29.78 15.69
CA VAL E 15 -8.15 -29.51 15.70
C VAL E 15 -8.54 -28.83 14.39
N ALA E 16 -9.65 -29.26 13.81
CA ALA E 16 -10.18 -28.69 12.57
C ALA E 16 -11.41 -27.86 12.94
N GLN E 17 -11.20 -26.55 13.10
CA GLN E 17 -12.29 -25.68 13.48
C GLN E 17 -13.35 -25.66 12.38
N PRO E 18 -14.64 -25.65 12.72
CA PRO E 18 -15.66 -25.54 11.68
C PRO E 18 -15.76 -24.12 11.14
N VAL E 19 -15.91 -24.02 9.82
CA VAL E 19 -16.02 -22.75 9.13
C VAL E 19 -17.26 -22.78 8.27
N SER E 20 -18.05 -21.71 8.33
CA SER E 20 -19.30 -21.60 7.59
C SER E 20 -19.13 -20.54 6.51
N VAL E 21 -18.82 -21.00 5.29
CA VAL E 21 -18.68 -20.08 4.17
C VAL E 21 -20.05 -19.50 3.84
N GLU E 22 -20.12 -18.18 3.71
CA GLU E 22 -21.35 -17.47 3.44
C GLU E 22 -21.14 -16.56 2.23
N VAL E 23 -22.00 -16.69 1.23
CA VAL E 23 -21.86 -15.97 -0.03
C VAL E 23 -23.14 -15.17 -0.27
N HIS E 24 -22.98 -13.92 -0.66
CA HIS E 24 -24.11 -13.05 -0.96
C HIS E 24 -23.83 -12.28 -2.25
N LEU E 25 -24.79 -12.30 -3.17
CA LEU E 25 -24.68 -11.62 -4.46
C LEU E 25 -25.60 -10.40 -4.43
N SER E 26 -24.99 -9.21 -4.50
CA SER E 26 -25.72 -7.96 -4.47
C SER E 26 -25.85 -7.40 -5.89
N ASN E 27 -26.57 -6.29 -6.00
CA ASN E 27 -26.90 -5.70 -7.30
C ASN E 27 -25.88 -4.69 -7.80
N GLY E 28 -24.80 -4.46 -7.05
CA GLY E 28 -23.82 -3.47 -7.43
C GLY E 28 -23.03 -3.84 -8.67
N LEU E 29 -21.88 -3.21 -8.85
CA LEU E 29 -21.01 -3.51 -9.98
C LEU E 29 -20.17 -4.75 -9.68
N PRO E 30 -19.54 -5.32 -10.71
CA PRO E 30 -18.73 -6.51 -10.48
C PRO E 30 -17.66 -6.27 -9.42
N SER E 31 -17.47 -7.27 -8.56
CA SER E 31 -16.50 -7.18 -7.47
C SER E 31 -16.45 -8.54 -6.79
N PHE E 32 -15.49 -8.70 -5.89
CA PHE E 32 -15.31 -9.95 -5.17
C PHE E 32 -14.64 -9.62 -3.84
N THR E 33 -15.42 -9.56 -2.77
CA THR E 33 -14.94 -9.17 -1.46
C THR E 33 -14.98 -10.37 -0.53
N MET E 34 -13.83 -10.70 0.06
CA MET E 34 -13.73 -11.74 1.07
C MET E 34 -13.70 -11.10 2.46
N VAL E 35 -14.03 -11.92 3.46
CA VAL E 35 -14.17 -11.43 4.82
C VAL E 35 -13.88 -12.59 5.77
N GLY E 36 -13.39 -12.26 6.95
CA GLY E 36 -13.08 -13.25 7.97
C GLY E 36 -11.62 -13.55 8.15
N LEU E 37 -10.73 -12.57 7.97
CA LEU E 37 -9.31 -12.75 8.18
C LEU E 37 -8.76 -13.88 7.31
N ALA E 38 -8.98 -13.74 6.01
CA ALA E 38 -8.49 -14.70 5.04
C ALA E 38 -7.06 -14.35 4.64
N GLU E 39 -6.16 -15.31 4.77
CA GLU E 39 -4.76 -15.08 4.43
C GLU E 39 -4.60 -14.97 2.91
N THR E 40 -3.36 -14.75 2.48
CA THR E 40 -3.11 -14.57 1.06
C THR E 40 -3.49 -15.81 0.26
N ALA E 41 -3.17 -16.99 0.78
CA ALA E 41 -3.53 -18.22 0.08
C ALA E 41 -5.04 -18.33 -0.07
N VAL E 42 -5.79 -18.04 0.99
CA VAL E 42 -7.25 -18.08 0.91
C VAL E 42 -7.76 -16.93 0.06
N LYS E 43 -7.25 -15.72 0.29
CA LYS E 43 -7.77 -14.54 -0.38
C LYS E 43 -7.45 -14.52 -1.87
N GLU E 44 -6.52 -15.35 -2.32
CA GLU E 44 -6.21 -15.46 -3.74
C GLU E 44 -7.10 -16.47 -4.46
N SER E 45 -8.02 -17.11 -3.74
CA SER E 45 -8.92 -18.09 -4.33
C SER E 45 -9.96 -17.45 -5.25
N LYS E 46 -9.99 -16.12 -5.34
CA LYS E 46 -11.02 -15.47 -6.16
C LYS E 46 -10.90 -15.88 -7.61
N ASP E 47 -9.70 -15.72 -8.18
CA ASP E 47 -9.50 -16.03 -9.59
C ASP E 47 -9.61 -17.53 -9.84
N ARG E 48 -9.09 -18.35 -8.93
CA ARG E 48 -9.21 -19.79 -9.09
C ARG E 48 -10.66 -20.22 -9.12
N VAL E 49 -11.47 -19.67 -8.22
CA VAL E 49 -12.89 -20.00 -8.21
C VAL E 49 -13.55 -19.52 -9.50
N ARG E 50 -13.24 -18.29 -9.92
CA ARG E 50 -13.83 -17.77 -11.15
C ARG E 50 -13.54 -18.69 -12.34
N SER E 51 -12.27 -19.03 -12.52
CA SER E 51 -11.90 -19.85 -13.68
C SER E 51 -12.44 -21.27 -13.56
N ALA E 52 -12.47 -21.83 -12.35
CA ALA E 52 -12.98 -23.18 -12.19
C ALA E 52 -14.48 -23.23 -12.51
N ILE E 53 -15.22 -22.20 -12.09
CA ILE E 53 -16.64 -22.17 -12.39
C ILE E 53 -16.86 -21.94 -13.88
N ILE E 54 -16.08 -21.05 -14.48
CA ILE E 54 -16.27 -20.72 -15.88
C ILE E 54 -15.96 -21.91 -16.77
N ASN E 55 -14.86 -22.61 -16.49
CA ASN E 55 -14.43 -23.71 -17.34
C ASN E 55 -15.25 -24.98 -17.15
N SER E 56 -16.04 -25.06 -16.07
CA SER E 56 -16.90 -26.21 -15.82
C SER E 56 -18.29 -26.04 -16.42
N GLN E 57 -18.42 -25.24 -17.48
CA GLN E 57 -19.70 -25.05 -18.16
C GLN E 57 -20.77 -24.53 -17.20
N PHE E 58 -20.36 -23.67 -16.28
CA PHE E 58 -21.28 -23.00 -15.36
C PHE E 58 -21.33 -21.51 -15.68
N GLU E 59 -22.21 -20.80 -14.97
CA GLU E 59 -22.38 -19.37 -15.14
C GLU E 59 -21.82 -18.67 -13.90
N PHE E 60 -20.82 -17.81 -14.11
CA PHE E 60 -20.27 -17.02 -13.02
C PHE E 60 -21.04 -15.70 -12.92
N PRO E 61 -21.61 -15.36 -11.77
CA PRO E 61 -22.44 -14.16 -11.71
C PRO E 61 -21.65 -12.90 -12.05
N CYS E 62 -22.30 -11.98 -12.75
CA CYS E 62 -21.75 -10.66 -12.98
C CYS E 62 -22.01 -9.72 -11.82
N ARG E 63 -22.79 -10.13 -10.84
CA ARG E 63 -23.13 -9.31 -9.70
C ARG E 63 -21.90 -9.11 -8.80
N LYS E 64 -22.10 -8.36 -7.72
CA LYS E 64 -21.06 -8.17 -6.72
C LYS E 64 -21.07 -9.36 -5.76
N ILE E 65 -19.95 -10.06 -5.68
CA ILE E 65 -19.83 -11.22 -4.79
C ILE E 65 -19.34 -10.73 -3.44
N THR E 66 -19.77 -11.43 -2.39
CA THR E 66 -19.35 -11.10 -1.02
C THR E 66 -19.29 -12.39 -0.24
N VAL E 67 -18.08 -12.88 0.02
CA VAL E 67 -17.86 -14.15 0.70
C VAL E 67 -17.40 -13.85 2.11
N ASN E 68 -18.16 -14.31 3.10
CA ASN E 68 -17.80 -14.21 4.51
C ASN E 68 -17.47 -15.61 5.02
N LEU E 69 -16.26 -15.75 5.57
CA LEU E 69 -15.72 -17.06 5.91
C LEU E 69 -15.87 -17.31 7.40
N GLY E 70 -16.89 -18.08 7.78
CA GLY E 70 -17.03 -18.59 9.11
C GLY E 70 -16.84 -17.54 10.19
N PRO E 71 -16.30 -17.96 11.34
CA PRO E 71 -16.07 -17.00 12.42
C PRO E 71 -15.21 -15.83 11.95
N ALA E 72 -15.58 -14.63 12.41
CA ALA E 72 -14.90 -13.42 11.98
C ALA E 72 -13.59 -13.18 12.72
N ASN E 73 -13.32 -13.92 13.79
CA ASN E 73 -12.10 -13.73 14.58
C ASN E 73 -11.11 -14.88 14.41
N LEU E 74 -11.36 -15.80 13.48
CA LEU E 74 -10.50 -16.96 13.29
C LEU E 74 -9.79 -16.84 11.93
N PRO E 75 -8.49 -16.58 11.89
CA PRO E 75 -7.81 -16.51 10.59
C PRO E 75 -7.90 -17.83 9.84
N LYS E 76 -8.05 -17.73 8.52
CA LYS E 76 -8.19 -18.89 7.65
C LYS E 76 -6.90 -19.11 6.88
N THR E 77 -6.37 -20.33 6.94
CA THR E 77 -5.05 -20.65 6.40
C THR E 77 -5.10 -21.58 5.19
N GLY E 78 -5.74 -22.73 5.33
CA GLY E 78 -5.66 -23.75 4.30
C GLY E 78 -6.10 -23.24 2.94
N SER E 79 -5.69 -23.98 1.91
CA SER E 79 -6.05 -23.67 0.53
C SER E 79 -7.27 -24.44 0.06
N GLY E 80 -7.96 -25.15 0.96
CA GLY E 80 -9.09 -25.97 0.57
C GLY E 80 -10.41 -25.22 0.57
N PHE E 81 -10.34 -23.88 0.57
CA PHE E 81 -11.53 -23.06 0.60
C PHE E 81 -12.09 -22.75 -0.78
N ASP E 82 -11.48 -23.27 -1.85
CA ASP E 82 -11.98 -22.96 -3.18
C ASP E 82 -13.26 -23.73 -3.50
N LEU E 83 -13.34 -25.00 -3.11
CA LEU E 83 -14.54 -25.78 -3.41
C LEU E 83 -15.74 -25.28 -2.64
N PRO E 84 -15.66 -25.05 -1.32
CA PRO E 84 -16.83 -24.49 -0.62
C PRO E 84 -17.28 -23.17 -1.21
N ILE E 85 -16.34 -22.30 -1.59
CA ILE E 85 -16.72 -20.99 -2.12
C ILE E 85 -17.37 -21.14 -3.49
N ALA E 86 -16.84 -22.03 -4.34
CA ALA E 86 -17.44 -22.24 -5.65
C ALA E 86 -18.85 -22.78 -5.51
N LEU E 87 -19.04 -23.77 -4.64
CA LEU E 87 -20.36 -24.32 -4.44
C LEU E 87 -21.31 -23.28 -3.85
N GLY E 88 -20.81 -22.44 -2.94
CA GLY E 88 -21.64 -21.38 -2.41
C GLY E 88 -22.07 -20.39 -3.47
N ILE E 89 -21.15 -20.03 -4.38
CA ILE E 89 -21.51 -19.11 -5.45
C ILE E 89 -22.57 -19.73 -6.35
N LEU E 90 -22.37 -20.99 -6.72
CA LEU E 90 -23.35 -21.65 -7.58
C LEU E 90 -24.71 -21.73 -6.90
N ALA E 91 -24.74 -22.08 -5.61
CA ALA E 91 -26.00 -22.15 -4.90
C ALA E 91 -26.67 -20.79 -4.81
N ALA E 92 -25.90 -19.74 -4.52
CA ALA E 92 -26.47 -18.42 -4.41
C ALA E 92 -26.97 -17.90 -5.76
N SER E 93 -26.41 -18.38 -6.85
CA SER E 93 -26.83 -17.98 -8.18
C SER E 93 -27.92 -18.89 -8.75
N GLU E 94 -28.52 -19.74 -7.92
CA GLU E 94 -29.58 -20.65 -8.31
C GLU E 94 -29.10 -21.72 -9.28
N GLN E 95 -27.81 -21.80 -9.56
CA GLN E 95 -27.29 -22.86 -10.40
C GLN E 95 -27.44 -24.23 -9.76
N ILE E 96 -27.53 -24.30 -8.44
CA ILE E 96 -27.68 -25.56 -7.72
C ILE E 96 -28.80 -25.40 -6.70
N PRO E 97 -29.60 -26.42 -6.44
CA PRO E 97 -30.52 -26.36 -5.29
C PRO E 97 -29.75 -26.45 -3.99
N LEU E 98 -29.98 -25.48 -3.11
CA LEU E 98 -29.18 -25.32 -1.91
C LEU E 98 -29.63 -26.20 -0.75
N THR E 99 -30.66 -27.03 -0.96
CA THR E 99 -31.01 -28.01 0.06
C THR E 99 -29.95 -29.11 0.16
N ASN E 100 -29.29 -29.43 -0.96
CA ASN E 100 -28.30 -30.49 -0.95
C ASN E 100 -27.10 -30.15 -0.08
N LEU E 101 -26.78 -28.86 0.05
CA LEU E 101 -25.63 -28.43 0.83
C LEU E 101 -25.90 -28.41 2.33
N ALA E 102 -26.96 -29.07 2.79
CA ALA E 102 -27.35 -28.96 4.19
C ALA E 102 -26.32 -29.62 5.11
N ASN E 103 -26.11 -30.92 4.96
CA ASN E 103 -25.31 -31.69 5.89
C ASN E 103 -23.91 -32.03 5.36
N HIS E 104 -23.61 -31.65 4.12
CA HIS E 104 -22.30 -31.96 3.55
C HIS E 104 -21.26 -30.95 3.99
N GLU E 105 -20.01 -31.40 4.06
CA GLU E 105 -18.86 -30.54 4.28
C GLU E 105 -17.90 -30.73 3.12
N PHE E 106 -17.48 -29.62 2.51
CA PHE E 106 -16.67 -29.65 1.30
C PHE E 106 -15.26 -29.16 1.62
N ILE E 107 -14.26 -29.86 1.07
CA ILE E 107 -12.87 -29.49 1.23
C ILE E 107 -12.15 -29.80 -0.08
N GLY E 108 -11.05 -29.08 -0.32
CA GLY E 108 -10.23 -29.32 -1.50
C GLY E 108 -10.21 -28.08 -2.39
N GLU E 109 -9.01 -27.73 -2.83
CA GLU E 109 -8.85 -26.59 -3.72
C GLU E 109 -9.25 -26.95 -5.15
N LEU E 110 -9.34 -25.93 -5.99
CA LEU E 110 -9.75 -26.08 -7.38
C LEU E 110 -8.61 -25.66 -8.30
N ALA E 111 -8.31 -26.49 -9.28
CA ALA E 111 -7.40 -26.10 -10.35
C ALA E 111 -8.10 -25.06 -11.23
N LEU E 112 -7.37 -24.56 -12.22
CA LEU E 112 -7.94 -23.57 -13.13
C LEU E 112 -8.85 -24.21 -14.17
N SER E 113 -8.84 -25.54 -14.30
CA SER E 113 -9.71 -26.25 -15.22
C SER E 113 -10.99 -26.74 -14.57
N GLY E 114 -11.17 -26.49 -13.28
CA GLY E 114 -12.26 -27.06 -12.52
C GLY E 114 -11.90 -28.35 -11.81
N GLU E 115 -10.82 -29.00 -12.21
CA GLU E 115 -10.39 -30.22 -11.54
C GLU E 115 -9.94 -29.94 -10.12
N LEU E 116 -10.31 -30.82 -9.21
CA LEU E 116 -9.93 -30.66 -7.81
C LEU E 116 -8.49 -31.12 -7.58
N ARG E 117 -7.87 -30.58 -6.54
CA ARG E 117 -6.53 -30.96 -6.14
C ARG E 117 -6.54 -31.26 -4.64
N GLY E 118 -5.57 -32.07 -4.22
CA GLY E 118 -5.48 -32.44 -2.83
C GLY E 118 -4.91 -31.32 -1.97
N VAL E 119 -5.20 -31.40 -0.67
CA VAL E 119 -4.71 -30.44 0.30
C VAL E 119 -4.11 -31.20 1.47
N SER E 120 -3.07 -30.61 2.07
CA SER E 120 -2.37 -31.26 3.16
C SER E 120 -3.21 -31.22 4.43
N ALA E 121 -2.86 -32.09 5.37
CA ALA E 121 -3.51 -32.16 6.68
C ALA E 121 -5.02 -32.36 6.52
N ILE E 122 -5.38 -33.51 5.94
CA ILE E 122 -6.77 -33.85 5.72
C ILE E 122 -7.34 -34.75 6.81
N ILE E 123 -6.51 -35.50 7.52
CA ILE E 123 -7.02 -36.43 8.52
C ILE E 123 -7.81 -35.73 9.61
N PRO E 124 -7.33 -34.62 10.19
CA PRO E 124 -8.14 -33.95 11.23
C PRO E 124 -9.51 -33.53 10.73
N ALA E 125 -9.60 -33.07 9.48
CA ALA E 125 -10.90 -32.71 8.92
C ALA E 125 -11.80 -33.92 8.81
N VAL E 126 -11.25 -35.06 8.39
CA VAL E 126 -12.05 -36.28 8.31
C VAL E 126 -12.55 -36.67 9.69
N LEU E 127 -11.68 -36.59 10.70
CA LEU E 127 -12.08 -36.93 12.06
C LEU E 127 -13.22 -36.02 12.52
N ALA E 128 -13.05 -34.71 12.35
CA ALA E 128 -14.07 -33.77 12.81
C ALA E 128 -15.39 -34.00 12.10
N ALA E 129 -15.35 -34.20 10.78
CA ALA E 129 -16.57 -34.47 10.03
C ALA E 129 -17.21 -35.78 10.48
N HIS E 130 -16.40 -36.76 10.89
CA HIS E 130 -16.96 -38.00 11.39
C HIS E 130 -17.70 -37.77 12.71
N LYS E 131 -17.09 -37.02 13.62
CA LYS E 131 -17.74 -36.77 14.91
C LYS E 131 -19.07 -36.06 14.72
N ASP E 132 -19.20 -35.23 13.69
CA ASP E 132 -20.43 -34.49 13.44
C ASP E 132 -21.38 -35.21 12.48
N ASN E 133 -21.00 -36.39 11.99
CA ASN E 133 -21.85 -37.16 11.08
C ASN E 133 -22.23 -36.33 9.86
N GLN E 134 -21.20 -35.76 9.21
CA GLN E 134 -21.39 -34.91 8.04
C GLN E 134 -20.71 -35.58 6.85
N HIS E 135 -21.43 -35.69 5.74
CA HIS E 135 -20.85 -36.25 4.52
C HIS E 135 -19.73 -35.35 4.03
N LEU E 136 -18.49 -35.83 4.13
CA LEU E 136 -17.34 -35.07 3.66
C LEU E 136 -17.05 -35.38 2.20
N ILE E 137 -16.80 -34.34 1.42
CA ILE E 137 -16.46 -34.47 0.02
C ILE E 137 -15.12 -33.81 -0.21
N ILE E 138 -14.15 -34.56 -0.70
CA ILE E 138 -12.77 -34.11 -0.81
C ILE E 138 -12.29 -34.35 -2.24
N ALA E 139 -11.11 -33.81 -2.53
CA ALA E 139 -10.50 -34.00 -3.84
C ALA E 139 -10.07 -35.46 -4.01
N ASN E 140 -10.14 -35.93 -5.26
CA ASN E 140 -9.77 -37.31 -5.53
C ASN E 140 -8.32 -37.59 -5.14
N ALA E 141 -7.45 -36.59 -5.23
CA ALA E 141 -6.05 -36.79 -4.87
C ALA E 141 -5.90 -37.18 -3.41
N ASN E 142 -6.81 -36.73 -2.55
CA ASN E 142 -6.76 -37.03 -1.12
C ASN E 142 -7.38 -38.38 -0.79
N ALA E 143 -7.93 -39.10 -1.78
CA ALA E 143 -8.51 -40.41 -1.50
C ALA E 143 -7.45 -41.39 -1.02
N ALA E 144 -6.31 -41.42 -1.71
CA ALA E 144 -5.26 -42.37 -1.35
C ALA E 144 -4.74 -42.15 0.07
N GLU E 145 -4.95 -40.97 0.63
CA GLU E 145 -4.53 -40.65 1.98
C GLU E 145 -5.64 -40.84 3.01
N ALA E 146 -6.88 -40.51 2.65
CA ALA E 146 -7.99 -40.63 3.59
C ALA E 146 -8.44 -42.08 3.75
N SER E 147 -8.47 -42.84 2.65
CA SER E 147 -9.03 -44.19 2.69
C SER E 147 -8.26 -45.12 3.62
N LEU E 148 -6.97 -44.84 3.86
CA LEU E 148 -6.19 -45.71 4.73
C LEU E 148 -6.85 -45.86 6.09
N THR E 149 -7.50 -44.81 6.58
CA THR E 149 -8.25 -44.92 7.83
C THR E 149 -9.47 -45.81 7.70
N GLY E 150 -9.88 -46.16 6.48
CA GLY E 150 -11.01 -47.03 6.28
C GLY E 150 -12.34 -46.41 6.65
N HIS E 151 -12.44 -45.08 6.58
CA HIS E 151 -13.65 -44.38 6.99
C HIS E 151 -14.60 -44.30 5.80
N GLN E 152 -15.86 -44.61 6.04
CA GLN E 152 -16.89 -44.58 5.01
C GLN E 152 -17.63 -43.24 5.06
N LYS E 153 -18.68 -43.13 4.25
CA LYS E 153 -19.49 -41.91 4.18
C LYS E 153 -18.64 -40.71 3.78
N VAL E 154 -17.54 -40.95 3.07
CA VAL E 154 -16.69 -39.91 2.53
C VAL E 154 -16.53 -40.17 1.04
N PHE E 155 -16.82 -39.16 0.23
CA PHE E 155 -16.79 -39.28 -1.21
C PHE E 155 -15.72 -38.36 -1.79
N THR E 156 -15.11 -38.79 -2.88
CA THR E 156 -14.03 -38.04 -3.51
C THR E 156 -14.36 -37.82 -4.97
N ALA E 157 -14.15 -36.59 -5.45
CA ALA E 157 -14.46 -36.21 -6.81
C ALA E 157 -13.19 -35.77 -7.52
N ASN E 158 -13.27 -35.70 -8.85
CA ASN E 158 -12.17 -35.25 -9.69
C ASN E 158 -12.33 -33.82 -10.17
N ASN E 159 -13.55 -33.39 -10.48
CA ASN E 159 -13.77 -32.05 -10.99
C ASN E 159 -15.10 -31.52 -10.47
N LEU E 160 -15.23 -30.19 -10.49
CA LEU E 160 -16.40 -29.55 -9.91
C LEU E 160 -17.70 -30.07 -10.51
N ARG E 161 -17.68 -30.44 -11.79
CA ARG E 161 -18.90 -30.96 -12.41
C ARG E 161 -19.34 -32.24 -11.73
N GLU E 162 -18.39 -33.08 -11.30
CA GLU E 162 -18.74 -34.31 -10.61
C GLU E 162 -19.47 -34.01 -9.31
N VAL E 163 -18.96 -33.07 -8.53
CA VAL E 163 -19.60 -32.72 -7.26
C VAL E 163 -20.98 -32.12 -7.51
N CYS E 164 -21.09 -31.24 -8.51
CA CYS E 164 -22.39 -30.66 -8.81
C CYS E 164 -23.39 -31.74 -9.20
N ASP E 165 -22.95 -32.71 -10.01
CA ASP E 165 -23.84 -33.80 -10.40
C ASP E 165 -24.26 -34.62 -9.18
N TYR E 166 -23.31 -34.91 -8.28
CA TYR E 166 -23.64 -35.70 -7.10
C TYR E 166 -24.66 -34.98 -6.23
N LEU E 167 -24.50 -33.67 -6.06
CA LEU E 167 -25.44 -32.92 -5.24
C LEU E 167 -26.79 -32.78 -5.92
N CYS E 168 -26.80 -32.61 -7.24
CA CYS E 168 -28.06 -32.41 -7.94
C CYS E 168 -28.88 -33.69 -8.03
N GLN E 169 -28.21 -34.82 -8.33
CA GLN E 169 -28.93 -36.07 -8.57
C GLN E 169 -28.25 -37.28 -7.93
N GLY E 170 -27.29 -37.10 -7.04
CA GLY E 170 -26.70 -38.23 -6.33
C GLY E 170 -26.03 -39.24 -7.23
N THR E 171 -25.29 -38.76 -8.24
CA THR E 171 -24.64 -39.65 -9.20
C THR E 171 -23.33 -40.20 -8.61
N SER E 172 -23.50 -41.11 -7.64
CA SER E 172 -22.38 -41.88 -7.11
C SER E 172 -21.34 -40.98 -6.42
N LEU E 173 -20.49 -40.33 -7.21
CA LEU E 173 -19.36 -39.56 -6.71
C LEU E 173 -18.24 -40.47 -6.20
N GLN E 174 -18.12 -41.66 -6.76
CA GLN E 174 -17.07 -42.59 -6.34
C GLN E 174 -17.18 -42.85 -4.84
N SER E 175 -16.08 -43.27 -4.23
CA SER E 175 -16.01 -43.50 -2.80
C SER E 175 -14.57 -43.80 -2.45
N LEU E 176 -14.23 -43.64 -1.18
CA LEU E 176 -12.88 -43.92 -0.74
C LEU E 176 -12.56 -45.38 -1.02
N PRO E 177 -11.44 -45.69 -1.68
CA PRO E 177 -11.14 -47.08 -2.01
C PRO E 177 -10.89 -47.89 -0.76
N PRO E 178 -10.95 -49.23 -0.83
CA PRO E 178 -10.70 -50.05 0.35
C PRO E 178 -9.37 -49.71 1.00
N LYS E 179 -9.25 -50.06 2.27
CA LYS E 179 -8.06 -49.71 3.03
C LYS E 179 -6.75 -50.07 2.35
N PRO E 180 -6.60 -51.25 1.69
CA PRO E 180 -5.38 -51.59 0.94
C PRO E 180 -4.52 -50.40 0.54
N MET F 1 -11.92 -24.64 -25.68
CA MET F 1 -11.82 -23.45 -24.79
C MET F 1 -10.38 -22.95 -24.74
N SER F 2 -10.14 -21.93 -23.93
CA SER F 2 -8.83 -21.28 -23.83
C SER F 2 -8.21 -21.67 -22.49
N LEU F 3 -7.48 -22.78 -22.49
CA LEU F 3 -6.76 -23.22 -21.31
C LEU F 3 -5.53 -23.98 -21.73
N ALA F 4 -4.51 -23.97 -20.87
CA ALA F 4 -3.27 -24.69 -21.13
C ALA F 4 -2.62 -25.04 -19.80
N PHE F 5 -1.95 -26.19 -19.76
CA PHE F 5 -1.32 -26.70 -18.54
C PHE F 5 0.15 -26.99 -18.82
N THR F 6 0.99 -25.99 -18.57
CA THR F 6 2.43 -26.19 -18.65
C THR F 6 2.94 -26.83 -17.36
N LYS F 7 4.22 -27.18 -17.33
CA LYS F 7 4.83 -27.78 -16.16
C LYS F 7 6.20 -27.16 -15.93
N THR F 8 6.68 -27.28 -14.70
CA THR F 8 8.00 -26.76 -14.32
C THR F 8 8.34 -27.36 -12.96
N ARG F 9 9.44 -26.89 -12.38
CA ARG F 9 9.88 -27.33 -11.06
C ARG F 9 10.28 -26.12 -10.24
N SER F 10 9.95 -26.15 -8.95
CA SER F 10 10.34 -25.12 -8.00
C SER F 10 11.25 -25.73 -6.96
N THR F 11 12.38 -25.09 -6.70
CA THR F 11 13.43 -25.64 -5.85
C THR F 11 13.40 -24.93 -4.50
N ILE F 12 13.03 -25.67 -3.45
CA ILE F 12 13.16 -25.22 -2.07
C ILE F 12 13.98 -26.28 -1.34
N GLY F 13 15.07 -25.85 -0.72
CA GLY F 13 15.98 -26.78 -0.09
C GLY F 13 16.73 -27.62 -1.11
N ILE F 14 16.57 -28.94 -1.04
CA ILE F 14 17.27 -29.84 -1.95
C ILE F 14 16.29 -30.38 -2.99
N VAL F 15 15.03 -30.53 -2.61
CA VAL F 15 14.03 -31.15 -3.47
C VAL F 15 13.42 -30.11 -4.39
N ALA F 16 12.96 -30.57 -5.55
CA ALA F 16 12.29 -29.73 -6.54
C ALA F 16 10.87 -30.27 -6.72
N GLN F 17 9.88 -29.52 -6.23
CA GLN F 17 8.51 -29.98 -6.27
C GLN F 17 7.87 -29.65 -7.62
N PRO F 18 6.88 -30.44 -8.04
CA PRO F 18 6.19 -30.13 -9.30
C PRO F 18 5.30 -28.92 -9.16
N VAL F 19 5.30 -28.08 -10.18
CA VAL F 19 4.50 -26.85 -10.19
C VAL F 19 3.83 -26.73 -11.54
N SER F 20 2.52 -27.00 -11.57
CA SER F 20 1.76 -26.97 -12.82
C SER F 20 1.33 -25.53 -13.10
N VAL F 21 2.03 -24.87 -14.01
CA VAL F 21 1.64 -23.54 -14.44
C VAL F 21 0.44 -23.65 -15.36
N GLU F 22 -0.60 -22.88 -15.07
CA GLU F 22 -1.86 -22.96 -15.80
C GLU F 22 -2.28 -21.56 -16.23
N VAL F 23 -3.03 -21.50 -17.33
CA VAL F 23 -3.46 -20.24 -17.92
C VAL F 23 -4.90 -20.36 -18.37
N HIS F 24 -5.61 -19.23 -18.36
CA HIS F 24 -7.01 -19.20 -18.80
C HIS F 24 -7.30 -17.80 -19.31
N LEU F 25 -7.56 -17.69 -20.61
CA LEU F 25 -7.83 -16.40 -21.25
C LEU F 25 -9.33 -16.12 -21.18
N SER F 26 -9.74 -15.35 -20.19
CA SER F 26 -11.14 -14.99 -20.01
C SER F 26 -11.47 -13.71 -20.78
N ASN F 27 -12.70 -13.63 -21.26
CA ASN F 27 -13.17 -12.44 -21.94
C ASN F 27 -13.25 -11.26 -20.97
N GLY F 28 -12.83 -10.10 -21.44
CA GLY F 28 -12.88 -8.89 -20.64
C GLY F 28 -11.79 -7.94 -21.05
N LEU F 29 -11.60 -6.91 -20.22
CA LEU F 29 -10.56 -5.93 -20.46
C LEU F 29 -9.19 -6.56 -20.24
N PRO F 30 -8.15 -5.98 -20.84
CA PRO F 30 -6.80 -6.52 -20.62
C PRO F 30 -6.48 -6.57 -19.14
N SER F 31 -5.84 -7.66 -18.73
CA SER F 31 -5.46 -7.84 -17.34
C SER F 31 -4.51 -9.02 -17.25
N PHE F 32 -3.96 -9.23 -16.06
CA PHE F 32 -2.99 -10.29 -15.83
C PHE F 32 -2.93 -10.55 -14.33
N THR F 33 -3.25 -11.76 -13.90
CA THR F 33 -3.25 -12.11 -12.49
C THR F 33 -2.42 -13.38 -12.29
N MET F 34 -1.45 -13.30 -11.38
CA MET F 34 -0.55 -14.42 -11.08
C MET F 34 -0.91 -14.98 -9.70
N VAL F 35 -1.77 -15.99 -9.69
CA VAL F 35 -2.20 -16.61 -8.45
C VAL F 35 -1.17 -17.63 -7.99
N GLY F 36 -1.20 -17.95 -6.70
CA GLY F 36 -0.42 -19.05 -6.18
C GLY F 36 0.79 -18.66 -5.37
N LEU F 37 0.67 -17.61 -4.55
CA LEU F 37 1.76 -17.18 -3.67
C LEU F 37 3.01 -16.85 -4.46
N ALA F 38 2.85 -16.30 -5.65
CA ALA F 38 4.01 -15.95 -6.45
C ALA F 38 4.75 -14.78 -5.81
N GLU F 39 6.03 -14.96 -5.57
CA GLU F 39 6.89 -13.90 -5.07
C GLU F 39 7.30 -12.94 -6.19
N THR F 40 7.87 -11.80 -5.78
CA THR F 40 8.12 -10.71 -6.73
C THR F 40 8.99 -11.17 -7.90
N ALA F 41 10.04 -11.95 -7.61
CA ALA F 41 10.91 -12.41 -8.68
C ALA F 41 10.16 -13.24 -9.72
N VAL F 42 8.98 -13.75 -9.37
CA VAL F 42 8.09 -14.39 -10.34
C VAL F 42 7.06 -13.38 -10.84
N LYS F 43 6.72 -12.40 -10.00
CA LYS F 43 5.65 -11.47 -10.40
C LYS F 43 6.06 -10.50 -11.50
N GLU F 44 7.36 -10.24 -11.69
CA GLU F 44 7.72 -9.46 -12.89
C GLU F 44 7.65 -10.29 -14.16
N SER F 45 7.47 -11.61 -14.04
CA SER F 45 7.33 -12.43 -15.23
C SER F 45 6.20 -11.94 -16.11
N LYS F 46 5.24 -11.20 -15.56
CA LYS F 46 4.18 -10.61 -16.37
C LYS F 46 4.78 -9.82 -17.53
N ASP F 47 5.49 -8.73 -17.21
CA ASP F 47 6.07 -7.90 -18.24
C ASP F 47 7.18 -8.62 -18.98
N ARG F 48 8.00 -9.40 -18.26
CA ARG F 48 9.06 -10.12 -18.96
C ARG F 48 8.51 -10.98 -20.08
N VAL F 49 7.46 -11.77 -19.79
CA VAL F 49 6.89 -12.68 -20.76
C VAL F 49 6.15 -11.91 -21.84
N ARG F 50 5.47 -10.82 -21.49
CA ARG F 50 4.79 -10.05 -22.52
C ARG F 50 5.78 -9.52 -23.55
N SER F 51 6.88 -8.94 -23.08
CA SER F 51 7.89 -8.44 -24.00
C SER F 51 8.53 -9.57 -24.79
N ALA F 52 8.78 -10.71 -24.14
CA ALA F 52 9.36 -11.85 -24.85
C ALA F 52 8.42 -12.32 -25.96
N ILE F 53 7.11 -12.33 -25.70
CA ILE F 53 6.14 -12.83 -26.68
C ILE F 53 5.84 -11.82 -27.77
N ILE F 54 6.13 -10.54 -27.55
CA ILE F 54 6.03 -9.56 -28.64
C ILE F 54 7.37 -9.32 -29.32
N ASN F 55 8.46 -9.89 -28.79
CA ASN F 55 9.77 -9.82 -29.42
C ASN F 55 10.18 -11.13 -30.06
N SER F 56 9.37 -12.18 -29.93
CA SER F 56 9.61 -13.46 -30.60
C SER F 56 8.66 -13.68 -31.77
N GLN F 57 8.07 -12.60 -32.29
CA GLN F 57 7.13 -12.68 -33.41
C GLN F 57 5.96 -13.59 -33.08
N PHE F 58 5.27 -13.25 -32.00
CA PHE F 58 4.09 -13.97 -31.54
C PHE F 58 2.99 -12.95 -31.23
N GLU F 59 1.81 -13.47 -30.89
CA GLU F 59 0.65 -12.65 -30.57
C GLU F 59 0.37 -12.73 -29.08
N PHE F 60 0.31 -11.57 -28.43
CA PHE F 60 -0.04 -11.50 -27.02
C PHE F 60 -1.54 -11.27 -26.90
N PRO F 61 -2.30 -12.16 -26.26
CA PRO F 61 -3.76 -11.98 -26.21
C PRO F 61 -4.15 -10.69 -25.51
N CYS F 62 -5.23 -10.08 -26.00
CA CYS F 62 -5.83 -8.91 -25.37
C CYS F 62 -6.92 -9.29 -24.36
N ARG F 63 -6.90 -10.53 -23.88
CA ARG F 63 -7.91 -11.04 -22.96
C ARG F 63 -7.41 -10.96 -21.53
N LYS F 64 -8.33 -11.23 -20.60
CA LYS F 64 -7.99 -11.23 -19.18
C LYS F 64 -7.21 -12.48 -18.83
N ILE F 65 -5.88 -12.42 -18.94
CA ILE F 65 -5.05 -13.58 -18.65
C ILE F 65 -5.09 -13.87 -17.16
N THR F 66 -5.18 -15.15 -16.81
CA THR F 66 -5.19 -15.59 -15.41
C THR F 66 -4.22 -16.75 -15.30
N VAL F 67 -3.00 -16.46 -14.85
CA VAL F 67 -1.93 -17.45 -14.77
C VAL F 67 -1.88 -17.95 -13.34
N ASN F 68 -2.41 -19.15 -13.12
CA ASN F 68 -2.34 -19.83 -11.84
C ASN F 68 -1.28 -20.91 -11.91
N LEU F 69 -0.39 -20.95 -10.93
CA LEU F 69 0.68 -21.93 -10.86
C LEU F 69 0.72 -22.48 -9.44
N GLY F 70 0.10 -23.65 -9.26
CA GLY F 70 0.01 -24.28 -7.96
C GLY F 70 0.97 -25.44 -7.84
N PRO F 71 0.88 -26.20 -6.73
CA PRO F 71 -0.05 -26.09 -5.60
C PRO F 71 -0.10 -24.69 -5.00
N ALA F 72 -1.31 -24.20 -4.69
CA ALA F 72 -1.47 -22.81 -4.28
C ALA F 72 -0.66 -22.51 -3.03
N ASN F 73 -0.68 -23.40 -2.05
CA ASN F 73 -0.03 -23.14 -0.77
C ASN F 73 1.49 -23.25 -0.85
N LEU F 74 2.07 -23.49 -2.02
CA LEU F 74 3.51 -23.58 -2.16
C LEU F 74 4.08 -22.22 -2.51
N PRO F 75 4.96 -21.63 -1.67
CA PRO F 75 5.49 -20.30 -1.98
C PRO F 75 6.51 -20.32 -3.11
N LYS F 76 6.03 -20.25 -4.35
CA LYS F 76 6.93 -20.16 -5.49
C LYS F 76 7.93 -19.03 -5.27
N THR F 77 9.22 -19.33 -5.46
CA THR F 77 10.28 -18.39 -5.17
C THR F 77 11.30 -18.23 -6.29
N GLY F 78 11.45 -19.21 -7.18
CA GLY F 78 12.44 -19.12 -8.22
C GLY F 78 12.12 -18.01 -9.22
N SER F 79 12.88 -18.01 -10.32
CA SER F 79 12.69 -17.04 -11.39
C SER F 79 12.58 -17.69 -12.76
N GLY F 80 12.70 -19.01 -12.85
CA GLY F 80 12.62 -19.68 -14.13
C GLY F 80 11.20 -20.01 -14.54
N PHE F 81 10.24 -19.23 -14.04
CA PHE F 81 8.83 -19.42 -14.36
C PHE F 81 8.39 -18.65 -15.59
N ASP F 82 9.29 -17.89 -16.21
CA ASP F 82 8.92 -17.12 -17.40
C ASP F 82 8.65 -18.04 -18.59
N LEU F 83 9.52 -19.03 -18.81
CA LEU F 83 9.33 -19.92 -19.96
C LEU F 83 8.05 -20.72 -19.85
N PRO F 84 7.76 -21.42 -18.75
CA PRO F 84 6.49 -22.14 -18.67
C PRO F 84 5.28 -21.24 -18.80
N ILE F 85 5.33 -20.04 -18.22
CA ILE F 85 4.20 -19.12 -18.31
C ILE F 85 3.98 -18.70 -19.75
N ALA F 86 5.05 -18.35 -20.46
CA ALA F 86 4.93 -17.96 -21.85
C ALA F 86 4.39 -19.09 -22.70
N LEU F 87 4.90 -20.31 -22.47
CA LEU F 87 4.42 -21.45 -23.25
C LEU F 87 2.94 -21.72 -22.99
N GLY F 88 2.53 -21.63 -21.72
CA GLY F 88 1.12 -21.83 -21.41
C GLY F 88 0.24 -20.75 -22.02
N ILE F 89 0.72 -19.50 -22.01
CA ILE F 89 -0.05 -18.41 -22.61
C ILE F 89 -0.21 -18.66 -24.10
N LEU F 90 0.87 -19.06 -24.77
CA LEU F 90 0.79 -19.35 -26.20
C LEU F 90 -0.17 -20.51 -26.48
N ALA F 91 -0.07 -21.57 -25.67
CA ALA F 91 -0.93 -22.74 -25.89
C ALA F 91 -2.40 -22.38 -25.69
N ALA F 92 -2.70 -21.61 -24.64
CA ALA F 92 -4.08 -21.17 -24.42
C ALA F 92 -4.56 -20.26 -25.54
N SER F 93 -3.64 -19.68 -26.31
CA SER F 93 -3.98 -18.85 -27.45
C SER F 93 -4.04 -19.65 -28.75
N GLU F 94 -3.88 -20.97 -28.68
CA GLU F 94 -3.91 -21.83 -29.87
C GLU F 94 -2.84 -21.43 -30.88
N GLN F 95 -1.69 -20.97 -30.39
CA GLN F 95 -0.52 -20.74 -31.23
C GLN F 95 0.46 -21.90 -31.19
N ILE F 96 0.64 -22.50 -30.02
CA ILE F 96 1.43 -23.71 -29.84
C ILE F 96 0.46 -24.86 -29.59
N PRO F 97 0.43 -25.90 -30.44
CA PRO F 97 -0.47 -27.02 -30.17
C PRO F 97 -0.23 -27.59 -28.78
N LEU F 98 -1.32 -27.79 -28.03
CA LEU F 98 -1.24 -28.20 -26.64
C LEU F 98 -0.94 -29.68 -26.47
N THR F 99 -0.90 -30.45 -27.55
CA THR F 99 -0.56 -31.87 -27.46
C THR F 99 0.93 -32.11 -27.33
N ASN F 100 1.75 -31.06 -27.35
CA ASN F 100 3.20 -31.20 -27.27
C ASN F 100 3.75 -30.98 -25.87
N LEU F 101 3.03 -30.27 -25.01
CA LEU F 101 3.46 -30.02 -23.65
C LEU F 101 3.07 -31.14 -22.69
N ALA F 102 2.77 -32.33 -23.22
CA ALA F 102 2.31 -33.42 -22.37
C ALA F 102 3.43 -33.92 -21.45
N ASN F 103 4.64 -34.09 -21.97
CA ASN F 103 5.73 -34.70 -21.22
C ASN F 103 6.97 -33.80 -21.22
N HIS F 104 6.78 -32.49 -21.23
CA HIS F 104 7.89 -31.54 -21.24
C HIS F 104 7.84 -30.66 -20.00
N GLU F 105 8.97 -30.61 -19.27
CA GLU F 105 9.15 -29.71 -18.15
C GLU F 105 10.12 -28.62 -18.55
N PHE F 106 9.72 -27.37 -18.35
CA PHE F 106 10.46 -26.21 -18.85
C PHE F 106 11.06 -25.42 -17.69
N ILE F 107 12.27 -24.91 -17.89
CA ILE F 107 12.96 -24.09 -16.91
C ILE F 107 13.80 -23.06 -17.65
N GLY F 108 14.04 -21.92 -16.99
CA GLY F 108 14.89 -20.89 -17.58
C GLY F 108 14.11 -19.62 -17.83
N GLU F 109 14.65 -18.51 -17.33
CA GLU F 109 14.01 -17.22 -17.51
C GLU F 109 14.17 -16.74 -18.95
N LEU F 110 13.43 -15.70 -19.30
CA LEU F 110 13.43 -15.11 -20.63
C LEU F 110 13.97 -13.69 -20.57
N ALA F 111 14.93 -13.38 -21.43
CA ALA F 111 15.39 -12.00 -21.57
C ALA F 111 14.33 -11.16 -22.26
N LEU F 112 14.54 -9.84 -22.24
CA LEU F 112 13.53 -8.93 -22.80
C LEU F 112 13.31 -9.18 -24.29
N SER F 113 14.34 -9.62 -25.01
CA SER F 113 14.24 -9.84 -26.45
C SER F 113 13.74 -11.23 -26.81
N GLY F 114 13.88 -12.20 -25.92
CA GLY F 114 13.43 -13.54 -26.20
C GLY F 114 14.44 -14.61 -25.86
N GLU F 115 15.69 -14.21 -25.65
CA GLU F 115 16.75 -15.18 -25.37
C GLU F 115 16.62 -15.73 -23.96
N LEU F 116 16.74 -17.04 -23.84
CA LEU F 116 16.71 -17.68 -22.53
C LEU F 116 17.96 -17.36 -21.75
N ARG F 117 17.85 -17.40 -20.42
CA ARG F 117 18.97 -17.12 -19.53
C ARG F 117 19.10 -18.24 -18.50
N GLY F 118 20.21 -18.23 -17.78
CA GLY F 118 20.52 -19.30 -16.86
C GLY F 118 20.04 -19.00 -15.45
N VAL F 119 19.30 -19.96 -14.88
CA VAL F 119 18.84 -19.88 -13.50
C VAL F 119 19.78 -20.71 -12.64
N SER F 120 19.80 -20.39 -11.35
CA SER F 120 20.66 -21.09 -10.40
C SER F 120 19.98 -22.34 -9.87
N ALA F 121 20.78 -23.22 -9.27
CA ALA F 121 20.29 -24.45 -8.66
C ALA F 121 19.45 -25.27 -9.64
N ILE F 122 20.13 -25.70 -10.70
CA ILE F 122 19.45 -26.46 -11.75
C ILE F 122 19.55 -27.96 -11.52
N ILE F 123 20.61 -28.42 -10.85
CA ILE F 123 20.84 -29.86 -10.72
C ILE F 123 19.65 -30.58 -10.09
N PRO F 124 19.05 -30.09 -9.00
CA PRO F 124 17.89 -30.80 -8.44
C PRO F 124 16.74 -30.93 -9.43
N ALA F 125 16.52 -29.91 -10.26
CA ALA F 125 15.50 -30.02 -11.29
C ALA F 125 15.84 -31.14 -12.27
N VAL F 126 17.11 -31.25 -12.64
CA VAL F 126 17.53 -32.35 -13.52
C VAL F 126 17.25 -33.69 -12.87
N LEU F 127 17.58 -33.80 -11.57
CA LEU F 127 17.37 -35.07 -10.87
C LEU F 127 15.89 -35.43 -10.84
N ALA F 128 15.02 -34.47 -10.55
CA ALA F 128 13.59 -34.75 -10.49
C ALA F 128 13.04 -35.12 -11.87
N ALA F 129 13.38 -34.33 -12.89
CA ALA F 129 12.92 -34.65 -14.24
C ALA F 129 13.42 -36.01 -14.69
N HIS F 130 14.60 -36.41 -14.22
CA HIS F 130 15.06 -37.77 -14.47
C HIS F 130 14.17 -38.77 -13.74
N LYS F 131 13.85 -38.52 -12.47
CA LYS F 131 12.90 -39.36 -11.75
C LYS F 131 11.47 -38.91 -11.98
N ASP F 132 11.11 -38.57 -13.21
CA ASP F 132 9.70 -38.56 -13.59
C ASP F 132 9.51 -39.07 -15.01
N ASN F 133 10.56 -39.12 -15.84
CA ASN F 133 10.47 -39.45 -17.26
C ASN F 133 9.80 -38.31 -18.04
N GLN F 134 10.51 -37.17 -18.07
CA GLN F 134 10.03 -35.97 -18.74
C GLN F 134 11.15 -35.38 -19.58
N HIS F 135 10.76 -34.73 -20.68
CA HIS F 135 11.71 -34.04 -21.56
C HIS F 135 12.01 -32.67 -20.96
N LEU F 136 12.94 -32.66 -20.01
CA LEU F 136 13.32 -31.42 -19.35
C LEU F 136 14.03 -30.50 -20.33
N ILE F 137 13.63 -29.23 -20.33
CA ILE F 137 14.20 -28.22 -21.22
C ILE F 137 14.72 -27.07 -20.38
N ILE F 138 15.96 -26.65 -20.64
CA ILE F 138 16.62 -25.59 -19.88
C ILE F 138 17.27 -24.63 -20.87
N ALA F 139 17.72 -23.49 -20.34
CA ALA F 139 18.39 -22.50 -21.16
C ALA F 139 19.79 -23.00 -21.52
N ASN F 140 20.32 -22.46 -22.62
CA ASN F 140 21.65 -22.85 -23.06
C ASN F 140 22.71 -22.59 -21.99
N ALA F 141 22.50 -21.55 -21.17
CA ALA F 141 23.47 -21.22 -20.15
C ALA F 141 23.64 -22.32 -19.11
N ASN F 142 22.64 -23.20 -18.96
CA ASN F 142 22.71 -24.28 -17.98
C ASN F 142 23.30 -25.56 -18.55
N ALA F 143 23.74 -25.55 -19.81
CA ALA F 143 24.31 -26.75 -20.39
C ALA F 143 25.57 -27.17 -19.65
N ALA F 144 26.38 -26.21 -19.21
CA ALA F 144 27.61 -26.55 -18.50
C ALA F 144 27.32 -27.31 -17.22
N GLU F 145 26.30 -26.88 -16.46
CA GLU F 145 25.95 -27.58 -15.23
C GLU F 145 25.21 -28.88 -15.50
N ALA F 146 24.42 -28.93 -16.58
CA ALA F 146 23.70 -30.17 -16.89
C ALA F 146 24.66 -31.25 -17.39
N SER F 147 25.80 -30.85 -17.96
CA SER F 147 26.75 -31.85 -18.45
C SER F 147 27.27 -32.72 -17.32
N LEU F 148 27.48 -32.14 -16.14
CA LEU F 148 28.01 -32.91 -15.02
C LEU F 148 27.19 -34.17 -14.76
N THR F 149 25.86 -34.06 -14.90
CA THR F 149 25.01 -35.24 -14.73
C THR F 149 25.17 -36.20 -15.91
N GLY F 150 25.22 -35.67 -17.13
CA GLY F 150 25.28 -36.51 -18.31
C GLY F 150 23.97 -37.14 -18.70
N HIS F 151 22.87 -36.76 -18.05
CA HIS F 151 21.58 -37.36 -18.35
C HIS F 151 21.07 -36.90 -19.71
N GLN F 152 20.22 -37.72 -20.30
CA GLN F 152 19.61 -37.44 -21.60
C GLN F 152 18.24 -36.78 -21.38
N LYS F 153 17.60 -36.43 -22.49
CA LYS F 153 16.32 -35.72 -22.45
C LYS F 153 16.46 -34.36 -21.76
N VAL F 154 17.63 -33.75 -21.89
CA VAL F 154 17.96 -32.49 -21.21
C VAL F 154 18.18 -31.42 -22.26
N PHE F 155 17.44 -31.48 -23.35
CA PHE F 155 17.60 -30.52 -24.44
C PHE F 155 17.64 -29.10 -23.90
N THR F 156 18.36 -28.23 -24.61
CA THR F 156 18.46 -26.82 -24.25
C THR F 156 18.27 -25.97 -25.49
N ALA F 157 18.06 -24.67 -25.27
CA ALA F 157 17.83 -23.74 -26.36
C ALA F 157 18.36 -22.37 -25.95
N ASN F 158 18.31 -21.44 -26.89
CA ASN F 158 18.79 -20.07 -26.68
C ASN F 158 17.68 -19.04 -26.63
N ASN F 159 16.64 -19.18 -27.46
CA ASN F 159 15.56 -18.21 -27.51
C ASN F 159 14.23 -18.95 -27.55
N LEU F 160 13.14 -18.18 -27.44
CA LEU F 160 11.81 -18.77 -27.39
C LEU F 160 11.48 -19.52 -28.69
N ARG F 161 11.78 -18.90 -29.83
CA ARG F 161 11.41 -19.52 -31.10
C ARG F 161 12.12 -20.85 -31.31
N GLU F 162 13.26 -21.07 -30.64
CA GLU F 162 13.90 -22.38 -30.70
C GLU F 162 13.04 -23.44 -30.02
N VAL F 163 12.46 -23.11 -28.85
CA VAL F 163 11.64 -24.07 -28.14
C VAL F 163 10.24 -24.16 -28.71
N CYS F 164 9.73 -23.09 -29.33
CA CYS F 164 8.46 -23.18 -30.02
C CYS F 164 8.54 -24.06 -31.26
N ASP F 165 9.71 -24.14 -31.89
CA ASP F 165 9.89 -25.03 -33.03
C ASP F 165 9.98 -26.48 -32.57
N TYR F 166 10.68 -26.73 -31.47
CA TYR F 166 10.80 -28.10 -30.94
C TYR F 166 9.43 -28.67 -30.59
N LEU F 167 8.43 -27.82 -30.39
CA LEU F 167 7.09 -28.25 -30.07
C LEU F 167 6.18 -28.31 -31.30
N CYS F 168 6.20 -27.28 -32.15
CA CYS F 168 5.20 -27.18 -33.21
C CYS F 168 5.56 -28.05 -34.41
N GLN F 169 6.62 -27.68 -35.13
CA GLN F 169 7.07 -28.44 -36.29
C GLN F 169 8.51 -28.90 -36.19
N GLY F 170 9.45 -27.98 -35.93
CA GLY F 170 10.86 -28.28 -36.02
C GLY F 170 11.47 -28.85 -34.77
N THR F 171 11.65 -30.17 -34.74
CA THR F 171 12.19 -30.85 -33.58
C THR F 171 13.71 -30.66 -33.55
N SER F 172 14.40 -31.45 -32.72
CA SER F 172 15.85 -31.44 -32.66
C SER F 172 16.39 -30.10 -32.15
N LEU F 173 16.08 -29.80 -30.89
CA LEU F 173 16.72 -28.68 -30.22
C LEU F 173 18.24 -28.78 -30.35
N GLN F 174 18.77 -30.01 -30.35
CA GLN F 174 20.15 -30.29 -30.74
C GLN F 174 21.13 -29.52 -29.85
N SER F 175 20.79 -29.39 -28.57
CA SER F 175 21.66 -28.76 -27.59
C SER F 175 21.75 -29.61 -26.34
N LEU F 176 21.76 -30.92 -26.51
CA LEU F 176 21.91 -31.86 -25.42
C LEU F 176 23.17 -31.52 -24.64
N PRO F 177 23.32 -32.00 -23.40
CA PRO F 177 24.51 -31.65 -22.61
C PRO F 177 25.79 -32.02 -23.35
N PRO F 178 26.82 -31.18 -23.28
CA PRO F 178 28.01 -31.42 -24.10
C PRO F 178 28.66 -32.77 -23.88
N LYS F 179 28.68 -33.26 -22.64
CA LYS F 179 29.35 -34.50 -22.31
C LYS F 179 28.42 -35.41 -21.53
N PRO F 180 28.58 -36.74 -21.66
CA PRO F 180 27.79 -37.65 -20.83
C PRO F 180 28.24 -37.64 -19.37
#